data_7X3X
#
_entry.id   7X3X
#
_cell.length_a   1.00
_cell.length_b   1.00
_cell.length_c   1.00
_cell.angle_alpha   90.00
_cell.angle_beta   90.00
_cell.angle_gamma   90.00
#
_symmetry.space_group_name_H-M   'P 1'
#
loop_
_entity.id
_entity.type
_entity.pdbx_description
1 polymer 'Histone H3'
2 polymer 'Histone H4'
3 polymer 'Histone H2A'
4 polymer 'Histone H2B 1.1'
5 polymer 'DNA (146-MER)'
6 polymer 'DNA (146-MER)'
7 polymer 'ISWI chromatin-remodeling complex ATPase ISW1'
#
loop_
_entity_poly.entity_id
_entity_poly.type
_entity_poly.pdbx_seq_one_letter_code
_entity_poly.pdbx_strand_id
1 'polypeptide(L)'
;MARTKQTARKSTGGKAPRKQLATKAARKSAPATGGVKKPHRYRPGTVALREIRRYQKSTELLIRKLPFQRLVREIAQDFK
TDLRFQSSAVMALQEASEAYLVALFEDTNLCAIHAKRVTIMPKDIQLARRIRGERA
;
A,E
2 'polypeptide(L)'
;MSGRGKGGKGLGKGGAKRHRKVLRDNIQGITKPAIRRLARRGGVKRISGLIYEETRGVLKVFLENVIRDAVTYTEHAKRK
TVTAMDVVYALKRQGRTLYGFGG
;
B,F
3 'polypeptide(L)'
;MSGRGKQGGKTRAKAKTRSSRAGLQFPVGRVHRLLRKGNYAERVGAGAPVYLAAVLEYLTAEILELAGNAARDNKKTRII
PRHLQLAVRNDEELNKLLGRVTIAQGGVLPNIQSVLLPKKTESSKSAKSK
;
C,G
4 'polypeptide(L)'
;MPEPAKSAPAPKKGSKKAVTKTQKKDGKKRRKSRKESYAIYVYKVLKQVHPDTGISSKAMSIMNSFVNDVFERIAGEASR
LAHYNKRSTITSREIQTAVRLLLPGELAKHAVSEGTKAVTKYTSAK
;
D,H
5 'polydeoxyribonucleotide'
;(DC)(DT)(DG)(DG)(DA)(DG)(DA)(DA)(DT)(DC)(DC)(DC)(DG)(DG)(DT)(DG)(DC)(DC)(DG)(DA)
(DG)(DG)(DC)(DC)(DG)(DC)(DT)(DC)(DA)(DA)(DT)(DT)(DG)(DG)(DT)(DC)(DG)(DT)(DA)(DG)
(DA)(DC)(DA)(DG)(DC)(DT)(DC)(DT)(DA)(DG)(DC)(DA)(DC)(DC)(DG)(DC)(DT)(DT)(DA)(DA)
(DA)(DC)(DG)(DC)(DA)(DC)(DG)(DT)(DA)(DC)(DG)(DC)(DG)(DC)(DT)(DG)(DT)(DC)(DC)(DC)
(DC)(DC)(DG)(DC)(DG)(DT)(DT)(DT)(DT)(DA)(DA)(DC)(DC)(DG)(DC)(DC)(DA)(DA)(DG)(DG)
(DG)(DG)(DA)(DT)(DT)(DA)(DC)(DT)(DC)(DC)(DC)(DT)(DA)(DG)(DT)(DC)(DT)(DC)(DC)(DA)
(DG)(DG)(DC)(DA)(DC)(DG)(DT)(DG)(DT)(DC)(DA)(DG)(DA)(DT)(DA)(DT)(DA)(DT)(DA)(DC)
(DA)(DT)(DC)(DC)(DT)(DG)(DA)
;
I
6 'polydeoxyribonucleotide'
;(DT)(DC)(DA)(DG)(DG)(DA)(DT)(DG)(DT)(DA)(DT)(DA)(DT)(DA)(DT)(DC)(DT)(DG)(DA)(DC)
(DA)(DC)(DG)(DT)(DG)(DC)(DC)(DT)(DG)(DG)(DA)(DG)(DA)(DC)(DT)(DA)(DG)(DG)(DG)(DA)
(DG)(DT)(DA)(DA)(DT)(DC)(DC)(DC)(DC)(DT)(DT)(DG)(DG)(DC)(DG)(DG)(DT)(DT)(DA)(DA)
(DA)(DA)(DC)(DG)(DC)(DG)(DG)(DG)(DG)(DG)(DA)(DC)(DA)(DG)(DC)(DG)(DC)(DG)(DT)(DA)
(DC)(DG)(DT)(DG)(DC)(DG)(DT)(DT)(DT)(DA)(DA)(DG)(DC)(DG)(DG)(DT)(DG)(DC)(DT)(DA)
(DG)(DA)(DG)(DC)(DT)(DG)(DT)(DC)(DT)(DA)(DC)(DG)(DA)(DC)(DC)(DA)(DA)(DT)(DT)(DG)
(DA)(DG)(DC)(DG)(DG)(DC)(DC)(DT)(DC)(DG)(DG)(DC)(DA)(DC)(DC)(DG)(DG)(DG)(DA)(DT)
(DT)(DC)(DT)(DC)(DC)(DA)
;
J
7 'polypeptide(L)'
;MENLKPFQVGLPPHDPESNKKRYLLKDANGKKFDLEGTTKRFEHLLSLSGLFKHFIESKAAKDPKFRQVLDVLEENKANG
KGKGKHQDVRRRKTEHEEDAELLKEEDSDDDESIEFQFRESPAYVNGQLRPYQIQGVNWLVSLHKNKIAGILADEMGLGK
TLQTISFLGYLRYIEKIPGPFLVIAPKSTLNNWLREINRWTPDVNAFILQGDKEERAELIQKKLLGCDFDVVIASYEIII
REKSPLKKINWEYIIIDEAHRIKNEESMLSQVLREFTSRNRLLITGTPLQNNLHELWALLNFLLPDIFSDAQDFDDWFSS
ESTEEDQDKIVKQLHTVLQPFLLRRIKSDVETSLLPKKELNLYVGMSSMQKKWYKKILEKDLDAVNGSNGSKESKTRLLN
IMMQLRKCCNHPYLFDGAEPGPPYTTDEHLVYNAAKLQVLDKLLKKLKEEGSRVLIFSQMSRLLDILEDYCYFRNYEYCR
IDGSTAHEDRIQAIDDYNAPDSKKFVFLLTTRAGGLGINLTSADVVVLYDSDWNPQADLQAMDRAHRIGQKKQVKVFRLV
TDNSVEEKILERATQKLRLDQLVIQQNRTSLKKKENKADSKDALLSMIQHGAADVFKSGTSTGSAGTPEPGSGEKGDDID
LDELLLKSENKTKSLNAKYETLGLDDLQKFNQDSAYEWNGQDFKKKIQRDIISPLLLNPTKRERKENYSIDNYYKDVLNT
GRSSTPSHPRMPKPHVFHSHQLQPPQLKVLYEKERMWTAKKTGYVPTMDDVKAAYGDISDEEEKKQKLELLKLSVNNSQP
LTEEEEKMKADWESEGFTNWNKLEFRKFITVSGKYGRNSIQAIARELAPGKTLEEVRAYAKAFWSNIERIEDYEKYLKII
ENEEEKIKRVKMQQEALRRKLSEYKNPFFDLKLKHPPSSNNKRTYSEEEDRFILLMLFKYGLDRDDVYELVRDEIRDCPL
FELDFYFRSRTPVELARRGNTLLQCLEKEFNAGIVLDDATKDRMKKEDENGKRIREEFADQTANEKENVDGVESKKAKIE
DTSNVGTEQLVAEKIPENETTH
;
V
#
loop_
_chem_comp.id
_chem_comp.type
_chem_comp.name
_chem_comp.formula
DA DNA linking 2'-DEOXYADENOSINE-5'-MONOPHOSPHATE 'C10 H14 N5 O6 P'
DC DNA linking 2'-DEOXYCYTIDINE-5'-MONOPHOSPHATE 'C9 H14 N3 O7 P'
DG DNA linking 2'-DEOXYGUANOSINE-5'-MONOPHOSPHATE 'C10 H14 N5 O7 P'
DT DNA linking THYMIDINE-5'-MONOPHOSPHATE 'C10 H15 N2 O8 P'
#
# COMPACT_ATOMS: atom_id res chain seq x y z
N LYS A 38 2.07 53.96 24.24
CA LYS A 38 2.92 53.06 23.48
C LYS A 38 2.09 52.09 22.64
N PRO A 39 2.56 51.79 21.42
CA PRO A 39 1.84 50.84 20.57
C PRO A 39 1.74 49.47 21.23
N HIS A 40 0.62 48.79 20.99
CA HIS A 40 0.37 47.48 21.57
C HIS A 40 0.55 46.43 20.48
N ARG A 41 1.76 45.88 20.42
CA ARG A 41 2.18 44.88 19.43
C ARG A 41 2.61 43.62 20.16
N TYR A 42 2.00 42.49 19.78
CA TYR A 42 2.13 41.25 20.52
C TYR A 42 3.54 40.66 20.44
N ARG A 43 3.89 39.90 21.46
CA ARG A 43 5.11 39.11 21.44
C ARG A 43 5.03 38.05 20.33
N PRO A 44 6.11 37.76 19.63
CA PRO A 44 6.10 36.71 18.61
C PRO A 44 5.72 35.36 19.21
N GLY A 45 4.77 34.70 18.57
CA GLY A 45 4.39 33.35 18.93
C GLY A 45 2.92 33.20 19.29
N THR A 46 2.37 34.20 19.98
CA THR A 46 0.95 34.16 20.33
C THR A 46 0.07 34.18 19.09
N VAL A 47 0.40 35.05 18.13
CA VAL A 47 -0.35 35.13 16.88
C VAL A 47 -0.24 33.82 16.12
N ALA A 48 0.94 33.19 16.15
CA ALA A 48 1.12 31.92 15.46
C ALA A 48 0.20 30.84 16.05
N LEU A 49 0.15 30.76 17.39
CA LEU A 49 -0.73 29.79 18.04
C LEU A 49 -2.20 30.08 17.74
N ARG A 50 -2.57 31.37 17.74
CA ARG A 50 -3.96 31.71 17.43
C ARG A 50 -4.32 31.29 16.01
N GLU A 51 -3.41 31.50 15.06
CA GLU A 51 -3.63 31.09 13.68
C GLU A 51 -3.72 29.58 13.55
N ILE A 52 -2.87 28.86 14.31
CA ILE A 52 -2.93 27.39 14.33
C ILE A 52 -4.28 26.91 14.82
N ARG A 53 -4.76 27.48 15.93
CA ARG A 53 -6.08 27.11 16.43
C ARG A 53 -7.18 27.44 15.42
N ARG A 54 -7.08 28.62 14.79
CA ARG A 54 -8.11 29.04 13.83
C ARG A 54 -8.21 28.07 12.67
N TYR A 55 -7.08 27.74 12.04
CA TYR A 55 -7.13 26.86 10.89
C TYR A 55 -7.21 25.38 11.24
N GLN A 56 -6.98 25.00 12.51
CA GLN A 56 -7.32 23.65 12.92
C GLN A 56 -8.80 23.50 13.29
N LYS A 57 -9.48 24.61 13.59
CA LYS A 57 -10.92 24.56 13.79
C LYS A 57 -11.70 24.72 12.49
N SER A 58 -11.13 25.41 11.51
CA SER A 58 -11.78 25.64 10.23
C SER A 58 -11.44 24.52 9.26
N THR A 59 -12.33 24.32 8.28
CA THR A 59 -12.20 23.21 7.33
C THR A 59 -12.34 23.67 5.88
N GLU A 60 -12.11 24.93 5.59
CA GLU A 60 -12.23 25.42 4.23
C GLU A 60 -10.87 25.39 3.52
N LEU A 61 -10.89 25.54 2.21
CA LEU A 61 -9.68 25.53 1.40
C LEU A 61 -8.78 26.70 1.76
N LEU A 62 -7.47 26.46 1.69
CA LEU A 62 -6.48 27.50 1.98
C LEU A 62 -5.71 27.96 0.74
N ILE A 63 -5.85 27.26 -0.38
CA ILE A 63 -5.15 27.59 -1.61
C ILE A 63 -6.11 28.26 -2.58
N ARG A 64 -5.66 29.33 -3.22
CA ARG A 64 -6.48 30.04 -4.18
C ARG A 64 -6.86 29.11 -5.34
N LYS A 65 -8.16 29.10 -5.67
CA LYS A 65 -8.67 28.09 -6.61
C LYS A 65 -8.08 28.28 -8.01
N LEU A 66 -8.15 29.50 -8.54
CA LEU A 66 -7.77 29.78 -9.92
C LEU A 66 -6.29 29.55 -10.19
N PRO A 67 -5.36 30.02 -9.32
CA PRO A 67 -3.95 29.66 -9.54
C PRO A 67 -3.71 28.15 -9.53
N PHE A 68 -4.36 27.42 -8.64
CA PHE A 68 -4.18 25.97 -8.61
C PHE A 68 -4.71 25.32 -9.87
N GLN A 69 -5.86 25.81 -10.37
CA GLN A 69 -6.40 25.30 -11.62
C GLN A 69 -5.45 25.57 -12.77
N ARG A 70 -4.88 26.78 -12.82
CA ARG A 70 -3.92 27.09 -13.88
C ARG A 70 -2.70 26.18 -13.80
N LEU A 71 -2.22 25.92 -12.58
CA LEU A 71 -1.07 25.03 -12.42
C LEU A 71 -1.41 23.61 -12.88
N VAL A 72 -2.61 23.13 -12.54
CA VAL A 72 -3.02 21.79 -12.97
C VAL A 72 -3.08 21.72 -14.49
N ARG A 73 -3.67 22.74 -15.12
CA ARG A 73 -3.75 22.75 -16.58
C ARG A 73 -2.37 22.79 -17.22
N GLU A 74 -1.46 23.60 -16.67
CA GLU A 74 -0.11 23.68 -17.23
C GLU A 74 0.63 22.35 -17.07
N ILE A 75 0.46 21.70 -15.92
CA ILE A 75 1.10 20.40 -15.71
C ILE A 75 0.55 19.37 -16.69
N ALA A 76 -0.77 19.36 -16.89
CA ALA A 76 -1.37 18.41 -17.82
C ALA A 76 -1.03 18.71 -19.27
N GLN A 77 -0.70 19.96 -19.59
CA GLN A 77 -0.33 20.30 -20.96
C GLN A 77 0.91 19.54 -21.41
N ASP A 78 1.79 19.16 -20.48
CA ASP A 78 2.99 18.42 -20.82
C ASP A 78 2.73 16.96 -21.14
N PHE A 79 1.50 16.47 -20.90
CA PHE A 79 1.15 15.08 -21.17
C PHE A 79 0.31 14.96 -22.44
N LYS A 80 -0.80 15.70 -22.52
CA LYS A 80 -1.64 15.69 -23.71
C LYS A 80 -2.16 17.09 -23.96
N THR A 81 -2.12 17.51 -25.22
CA THR A 81 -2.57 18.85 -25.59
C THR A 81 -4.09 18.91 -25.69
N ASP A 82 -4.65 20.06 -25.32
CA ASP A 82 -6.08 20.35 -25.43
C ASP A 82 -6.90 19.35 -24.62
N LEU A 83 -6.64 19.34 -23.30
CA LEU A 83 -7.37 18.50 -22.37
C LEU A 83 -8.36 19.33 -21.57
N ARG A 84 -9.55 18.79 -21.34
CA ARG A 84 -10.59 19.46 -20.59
C ARG A 84 -10.68 18.88 -19.18
N PHE A 85 -10.97 19.74 -18.21
CA PHE A 85 -11.05 19.35 -16.81
C PHE A 85 -12.39 19.74 -16.22
N GLN A 86 -13.04 18.78 -15.58
CA GLN A 86 -14.26 19.06 -14.84
C GLN A 86 -13.94 19.83 -13.56
N SER A 87 -14.94 20.57 -13.08
CA SER A 87 -14.76 21.32 -11.83
C SER A 87 -14.55 20.38 -10.66
N SER A 88 -15.30 19.28 -10.63
CA SER A 88 -15.17 18.32 -9.52
C SER A 88 -13.79 17.66 -9.51
N ALA A 89 -13.21 17.44 -10.68
CA ALA A 89 -11.86 16.87 -10.73
C ALA A 89 -10.85 17.82 -10.11
N VAL A 90 -10.95 19.11 -10.41
CA VAL A 90 -10.04 20.10 -9.83
C VAL A 90 -10.28 20.21 -8.33
N MET A 91 -11.53 20.13 -7.91
CA MET A 91 -11.83 20.17 -6.48
C MET A 91 -11.20 18.98 -5.75
N ALA A 92 -11.35 17.78 -6.30
CA ALA A 92 -10.74 16.60 -5.69
C ALA A 92 -9.23 16.71 -5.67
N LEU A 93 -8.64 17.23 -6.77
CA LEU A 93 -7.19 17.43 -6.79
C LEU A 93 -6.74 18.38 -5.69
N GLN A 94 -7.47 19.48 -5.51
CA GLN A 94 -7.11 20.44 -4.46
C GLN A 94 -7.25 19.83 -3.08
N GLU A 95 -8.33 19.06 -2.84
CA GLU A 95 -8.50 18.42 -1.55
C GLU A 95 -7.36 17.46 -1.25
N ALA A 96 -7.02 16.60 -2.22
CA ALA A 96 -5.95 15.63 -2.01
C ALA A 96 -4.62 16.34 -1.78
N SER A 97 -4.33 17.38 -2.58
CA SER A 97 -3.08 18.11 -2.42
C SER A 97 -2.99 18.77 -1.05
N GLU A 98 -4.08 19.41 -0.61
CA GLU A 98 -4.07 20.05 0.71
C GLU A 98 -3.90 19.03 1.83
N ALA A 99 -4.59 17.89 1.74
CA ALA A 99 -4.43 16.87 2.77
C ALA A 99 -3.01 16.34 2.83
N TYR A 100 -2.41 16.09 1.66
CA TYR A 100 -1.04 15.60 1.61
C TYR A 100 -0.07 16.64 2.17
N LEU A 101 -0.28 17.91 1.84
CA LEU A 101 0.58 18.96 2.37
C LEU A 101 0.45 19.08 3.89
N VAL A 102 -0.78 18.97 4.41
CA VAL A 102 -0.96 19.03 5.86
C VAL A 102 -0.23 17.87 6.53
N ALA A 103 -0.35 16.67 5.98
CA ALA A 103 0.36 15.51 6.55
C ALA A 103 1.87 15.71 6.50
N LEU A 104 2.37 16.24 5.38
CA LEU A 104 3.81 16.47 5.25
C LEU A 104 4.29 17.52 6.25
N PHE A 105 3.51 18.58 6.46
CA PHE A 105 3.89 19.59 7.43
C PHE A 105 3.82 19.05 8.85
N GLU A 106 2.87 18.16 9.15
CA GLU A 106 2.84 17.52 10.46
C GLU A 106 4.10 16.70 10.68
N ASP A 107 4.49 15.89 9.70
CA ASP A 107 5.72 15.10 9.83
C ASP A 107 6.94 16.01 9.96
N THR A 108 6.97 17.11 9.21
CA THR A 108 8.09 18.05 9.30
C THR A 108 8.16 18.69 10.68
N ASN A 109 7.01 19.05 11.25
CA ASN A 109 6.99 19.61 12.59
C ASN A 109 7.48 18.61 13.61
N LEU A 110 7.08 17.34 13.48
CA LEU A 110 7.57 16.32 14.37
C LEU A 110 9.09 16.17 14.27
N CYS A 111 9.62 16.18 13.04
CA CYS A 111 11.06 16.07 12.85
C CYS A 111 11.79 17.27 13.46
N ALA A 112 11.24 18.47 13.27
CA ALA A 112 11.86 19.67 13.83
C ALA A 112 11.87 19.63 15.36
N ILE A 113 10.76 19.19 15.95
CA ILE A 113 10.72 19.06 17.41
C ILE A 113 11.73 18.03 17.88
N HIS A 114 11.83 16.90 17.17
CA HIS A 114 12.83 15.89 17.53
C HIS A 114 14.24 16.43 17.40
N ALA A 115 14.46 17.38 16.49
CA ALA A 115 15.76 18.00 16.30
C ALA A 115 16.01 19.17 17.26
N LYS A 116 15.25 19.24 18.35
CA LYS A 116 15.41 20.28 19.36
C LYS A 116 15.30 21.68 18.75
N ARG A 117 14.33 21.85 17.84
CA ARG A 117 14.10 23.13 17.19
C ARG A 117 12.62 23.43 17.15
N VAL A 118 12.27 24.67 16.84
CA VAL A 118 10.89 25.09 16.65
C VAL A 118 10.65 25.61 15.24
N THR A 119 11.71 25.84 14.45
CA THR A 119 11.58 26.38 13.10
C THR A 119 11.86 25.25 12.13
N ILE A 120 10.86 24.93 11.29
CA ILE A 120 11.05 23.85 10.33
C ILE A 120 12.05 24.26 9.27
N MET A 121 12.78 23.28 8.75
CA MET A 121 13.82 23.48 7.75
C MET A 121 13.61 22.51 6.59
N PRO A 122 14.14 22.84 5.41
CA PRO A 122 13.98 21.92 4.26
C PRO A 122 14.51 20.53 4.52
N LYS A 123 15.59 20.40 5.29
CA LYS A 123 16.12 19.08 5.60
C LYS A 123 15.12 18.25 6.41
N ASP A 124 14.28 18.89 7.21
CA ASP A 124 13.22 18.16 7.91
C ASP A 124 12.24 17.55 6.92
N ILE A 125 11.84 18.33 5.91
CA ILE A 125 10.94 17.83 4.88
C ILE A 125 11.59 16.68 4.11
N GLN A 126 12.89 16.84 3.78
CA GLN A 126 13.60 15.79 3.07
C GLN A 126 13.66 14.51 3.89
N LEU A 127 13.94 14.63 5.20
CA LEU A 127 13.96 13.45 6.06
C LEU A 127 12.60 12.79 6.14
N ALA A 128 11.54 13.59 6.27
CA ALA A 128 10.19 13.03 6.35
C ALA A 128 9.84 12.28 5.07
N ARG A 129 10.14 12.87 3.92
CA ARG A 129 9.86 12.20 2.65
C ARG A 129 10.70 10.94 2.49
N ARG A 130 11.96 10.97 2.91
CA ARG A 130 12.81 9.80 2.79
C ARG A 130 12.29 8.67 3.66
N ILE A 131 11.89 8.97 4.90
CA ILE A 131 11.35 7.93 5.78
C ILE A 131 10.03 7.40 5.23
N ARG A 132 9.20 8.29 4.66
CA ARG A 132 7.95 7.83 4.05
C ARG A 132 8.22 6.89 2.89
N GLY A 133 9.20 7.21 2.04
CA GLY A 133 9.55 6.35 0.93
C GLY A 133 9.45 7.03 -0.42
N GLU A 134 9.41 8.37 -0.43
CA GLU A 134 9.36 9.13 -1.66
C GLU A 134 10.75 9.52 -2.18
N ARG A 135 11.80 9.20 -1.44
CA ARG A 135 13.15 9.53 -1.87
C ARG A 135 14.14 8.46 -1.39
N ARG B 20 10.01 47.75 -16.60
CA ARG B 20 11.09 46.95 -16.00
C ARG B 20 10.68 45.51 -15.57
N LYS B 21 10.02 44.65 -16.49
CA LYS B 21 9.08 43.50 -16.08
C LYS B 21 9.31 42.08 -16.66
N VAL B 22 9.91 41.19 -15.87
CA VAL B 22 9.49 39.78 -15.83
C VAL B 22 9.10 39.39 -14.40
N LEU B 23 8.54 40.36 -13.64
CA LEU B 23 8.37 40.33 -12.18
C LEU B 23 7.25 39.42 -11.67
N ARG B 24 6.07 39.45 -12.26
CA ARG B 24 4.92 38.70 -11.78
C ARG B 24 4.73 37.47 -12.64
N ASP B 25 4.36 36.35 -12.00
CA ASP B 25 4.48 35.04 -12.65
C ASP B 25 3.39 34.11 -12.14
N ASN B 26 3.34 32.89 -12.70
CA ASN B 26 2.30 31.89 -12.41
C ASN B 26 2.72 30.85 -11.37
N ILE B 27 3.89 30.24 -11.54
CA ILE B 27 4.29 29.14 -10.65
C ILE B 27 4.50 29.65 -9.23
N GLN B 28 4.77 30.94 -9.06
CA GLN B 28 4.79 31.57 -7.75
C GLN B 28 3.38 31.78 -7.21
N GLY B 29 2.35 31.36 -7.94
CA GLY B 29 0.98 31.55 -7.49
C GLY B 29 0.68 30.89 -6.15
N ILE B 30 1.41 29.83 -5.81
CA ILE B 30 1.33 29.28 -4.47
C ILE B 30 2.14 30.22 -3.58
N THR B 31 1.47 31.16 -2.93
CA THR B 31 2.13 32.28 -2.30
C THR B 31 2.59 31.94 -0.88
N LYS B 32 3.37 32.86 -0.30
CA LYS B 32 3.77 32.73 1.10
C LYS B 32 2.57 32.62 2.04
N PRO B 33 1.52 33.45 1.95
CA PRO B 33 0.37 33.25 2.83
C PRO B 33 -0.27 31.87 2.74
N ALA B 34 -0.40 31.31 1.53
CA ALA B 34 -1.04 30.00 1.39
C ALA B 34 -0.22 28.91 2.06
N ILE B 35 1.10 28.90 1.82
CA ILE B 35 1.94 27.88 2.43
C ILE B 35 1.98 28.06 3.95
N ARG B 36 2.00 29.30 4.41
CA ARG B 36 1.98 29.56 5.85
C ARG B 36 0.68 29.06 6.47
N ARG B 37 -0.45 29.30 5.80
CA ARG B 37 -1.74 28.81 6.30
C ARG B 37 -1.76 27.30 6.36
N LEU B 38 -1.23 26.63 5.34
CA LEU B 38 -1.18 25.18 5.34
C LEU B 38 -0.32 24.66 6.48
N ALA B 39 0.85 25.29 6.70
CA ALA B 39 1.72 24.87 7.79
C ALA B 39 1.06 25.09 9.14
N ARG B 40 0.36 26.22 9.31
CA ARG B 40 -0.35 26.49 10.56
C ARG B 40 -1.45 25.46 10.80
N ARG B 41 -2.18 25.08 9.74
CA ARG B 41 -3.14 24.00 9.87
C ARG B 41 -2.45 22.69 10.23
N GLY B 42 -1.24 22.48 9.73
CA GLY B 42 -0.47 21.30 10.09
C GLY B 42 0.17 21.35 11.46
N GLY B 43 0.08 22.48 12.14
CA GLY B 43 0.63 22.62 13.48
C GLY B 43 1.98 23.28 13.56
N VAL B 44 2.51 23.81 12.46
CA VAL B 44 3.81 24.46 12.46
C VAL B 44 3.66 25.84 13.10
N LYS B 45 4.60 26.18 13.99
CA LYS B 45 4.59 27.46 14.69
C LYS B 45 5.53 28.49 14.07
N ARG B 46 6.70 28.06 13.61
CA ARG B 46 7.68 28.96 13.00
C ARG B 46 8.20 28.32 11.72
N ILE B 47 8.25 29.10 10.64
CA ILE B 47 8.55 28.60 9.30
C ILE B 47 9.76 29.35 8.76
N SER B 48 10.76 28.59 8.29
CA SER B 48 11.90 29.18 7.62
C SER B 48 11.53 29.64 6.22
N GLY B 49 12.31 30.60 5.71
CA GLY B 49 12.05 31.16 4.39
C GLY B 49 12.28 30.20 3.24
N LEU B 50 13.07 29.15 3.44
CA LEU B 50 13.37 28.20 2.38
C LEU B 50 12.34 27.10 2.27
N ILE B 51 11.34 27.07 3.16
CA ILE B 51 10.33 26.02 3.13
C ILE B 51 9.47 26.14 1.87
N TYR B 52 9.24 27.36 1.40
CA TYR B 52 8.27 27.60 0.34
C TYR B 52 8.68 26.92 -0.96
N GLU B 53 9.94 27.07 -1.37
CA GLU B 53 10.38 26.49 -2.64
C GLU B 53 10.31 24.98 -2.60
N GLU B 54 10.76 24.37 -1.49
CA GLU B 54 10.69 22.92 -1.37
C GLU B 54 9.25 22.43 -1.37
N THR B 55 8.35 23.15 -0.70
CA THR B 55 6.95 22.78 -0.70
C THR B 55 6.36 22.86 -2.10
N ARG B 56 6.71 23.91 -2.84
CA ARG B 56 6.24 24.03 -4.23
C ARG B 56 6.75 22.87 -5.08
N GLY B 57 8.02 22.50 -4.91
CA GLY B 57 8.55 21.38 -5.68
C GLY B 57 7.85 20.07 -5.35
N VAL B 58 7.61 19.81 -4.06
CA VAL B 58 6.93 18.59 -3.64
C VAL B 58 5.50 18.56 -4.19
N LEU B 59 4.80 19.69 -4.11
CA LEU B 59 3.45 19.77 -4.65
C LEU B 59 3.46 19.54 -6.16
N LYS B 60 4.46 20.09 -6.86
CA LYS B 60 4.56 19.88 -8.30
C LYS B 60 4.75 18.40 -8.62
N VAL B 61 5.61 17.71 -7.87
CA VAL B 61 5.84 16.29 -8.11
C VAL B 61 4.56 15.49 -7.87
N PHE B 62 3.90 15.76 -6.74
CA PHE B 62 2.67 15.04 -6.41
C PHE B 62 1.60 15.26 -7.49
N LEU B 63 1.41 16.52 -7.89
CA LEU B 63 0.42 16.83 -8.93
C LEU B 63 0.81 16.17 -10.25
N GLU B 64 2.11 16.16 -10.58
CA GLU B 64 2.56 15.53 -11.81
C GLU B 64 2.19 14.05 -11.82
N ASN B 65 2.43 13.35 -10.70
CA ASN B 65 2.11 11.92 -10.66
C ASN B 65 0.60 11.68 -10.77
N VAL B 66 -0.18 12.44 -10.00
CA VAL B 66 -1.62 12.22 -9.98
C VAL B 66 -2.23 12.51 -11.35
N ILE B 67 -1.84 13.65 -11.95
CA ILE B 67 -2.34 14.02 -13.26
C ILE B 67 -1.85 13.03 -14.32
N ARG B 68 -0.63 12.51 -14.19
CA ARG B 68 -0.18 11.48 -15.12
C ARG B 68 -1.12 10.29 -15.10
N ASP B 69 -1.42 9.76 -13.90
CA ASP B 69 -2.32 8.61 -13.82
C ASP B 69 -3.71 8.96 -14.33
N ALA B 70 -4.21 10.14 -13.98
CA ALA B 70 -5.54 10.56 -14.42
C ALA B 70 -5.63 10.67 -15.93
N VAL B 71 -4.61 11.26 -16.57
CA VAL B 71 -4.63 11.40 -18.02
C VAL B 71 -4.50 10.03 -18.68
N THR B 72 -3.72 9.12 -18.09
CA THR B 72 -3.66 7.76 -18.64
C THR B 72 -5.03 7.09 -18.60
N TYR B 73 -5.75 7.23 -17.48
CA TYR B 73 -7.10 6.67 -17.41
C TYR B 73 -8.02 7.33 -18.44
N THR B 74 -7.90 8.65 -18.61
CA THR B 74 -8.74 9.36 -19.57
C THR B 74 -8.45 8.90 -21.00
N GLU B 75 -7.18 8.72 -21.34
CA GLU B 75 -6.83 8.24 -22.68
C GLU B 75 -7.33 6.82 -22.91
N HIS B 76 -7.29 5.99 -21.85
CA HIS B 76 -7.80 4.62 -21.99
C HIS B 76 -9.29 4.62 -22.33
N ALA B 77 -10.03 5.65 -21.90
CA ALA B 77 -11.48 5.71 -22.06
C ALA B 77 -11.92 6.48 -23.31
N LYS B 78 -10.98 6.80 -24.21
CA LYS B 78 -11.31 7.52 -25.44
C LYS B 78 -12.02 8.84 -25.17
N ARG B 79 -11.60 9.54 -24.11
CA ARG B 79 -12.20 10.81 -23.72
C ARG B 79 -11.17 11.92 -23.78
N LYS B 80 -11.67 13.16 -23.90
CA LYS B 80 -10.84 14.35 -23.88
C LYS B 80 -11.05 15.21 -22.66
N THR B 81 -12.09 14.93 -21.87
CA THR B 81 -12.39 15.68 -20.67
C THR B 81 -12.06 14.81 -19.46
N VAL B 82 -11.20 15.32 -18.59
CA VAL B 82 -10.78 14.59 -17.39
C VAL B 82 -11.85 14.79 -16.31
N THR B 83 -12.49 13.69 -15.92
CA THR B 83 -13.56 13.74 -14.93
C THR B 83 -12.99 13.53 -13.52
N ALA B 84 -13.83 13.80 -12.52
CA ALA B 84 -13.45 13.54 -11.14
C ALA B 84 -13.26 12.05 -10.89
N MET B 85 -13.95 11.20 -11.64
CA MET B 85 -13.78 9.76 -11.50
C MET B 85 -12.34 9.37 -11.78
N ASP B 86 -11.75 9.94 -12.83
CA ASP B 86 -10.35 9.64 -13.15
C ASP B 86 -9.43 10.05 -12.02
N VAL B 87 -9.63 11.24 -11.45
CA VAL B 87 -8.77 11.70 -10.37
C VAL B 87 -8.91 10.81 -9.15
N VAL B 88 -10.14 10.43 -8.81
CA VAL B 88 -10.38 9.57 -7.65
C VAL B 88 -9.74 8.21 -7.87
N TYR B 89 -9.87 7.66 -9.09
CA TYR B 89 -9.30 6.35 -9.38
C TYR B 89 -7.78 6.39 -9.33
N ALA B 90 -7.18 7.48 -9.83
CA ALA B 90 -5.73 7.64 -9.73
C ALA B 90 -5.28 7.72 -8.27
N LEU B 91 -6.01 8.47 -7.44
CA LEU B 91 -5.67 8.57 -6.02
C LEU B 91 -5.76 7.21 -5.35
N LYS B 92 -6.80 6.43 -5.66
CA LYS B 92 -6.93 5.09 -5.10
C LYS B 92 -5.80 4.19 -5.57
N ARG B 93 -5.41 4.28 -6.84
CA ARG B 93 -4.29 3.50 -7.34
C ARG B 93 -2.99 3.90 -6.66
N GLN B 94 -2.89 5.14 -6.20
CA GLN B 94 -1.72 5.61 -5.48
C GLN B 94 -1.84 5.44 -3.98
N GLY B 95 -2.82 4.67 -3.52
CA GLY B 95 -3.04 4.48 -2.10
C GLY B 95 -3.48 5.72 -1.37
N ARG B 96 -4.31 6.54 -2.01
CA ARG B 96 -4.80 7.80 -1.43
C ARG B 96 -6.30 7.92 -1.66
N THR B 97 -7.03 6.86 -1.32
CA THR B 97 -8.46 6.80 -1.55
C THR B 97 -9.16 8.00 -0.92
N LEU B 98 -10.04 8.63 -1.70
CA LEU B 98 -10.71 9.87 -1.32
C LEU B 98 -12.21 9.64 -1.28
N TYR B 99 -12.86 10.14 -0.23
CA TYR B 99 -14.30 10.03 -0.05
C TYR B 99 -14.97 11.36 -0.35
N GLY B 100 -16.14 11.29 -0.98
CA GLY B 100 -16.92 12.45 -1.28
C GLY B 100 -16.97 12.86 -2.75
N PHE B 101 -16.54 12.00 -3.66
CA PHE B 101 -16.57 12.33 -5.08
C PHE B 101 -17.06 11.19 -5.97
N GLY B 102 -17.51 10.08 -5.40
CA GLY B 102 -17.99 8.96 -6.18
C GLY B 102 -17.31 7.65 -5.86
N ALA C 13 -3.03 -29.53 -40.54
CA ALA C 13 -3.13 -30.48 -39.44
C ALA C 13 -1.90 -30.39 -38.53
N LYS C 14 -0.79 -29.92 -39.10
CA LYS C 14 0.45 -29.79 -38.34
C LYS C 14 0.30 -28.67 -37.32
N ALA C 15 0.46 -29.01 -36.04
CA ALA C 15 0.32 -28.03 -34.98
C ALA C 15 1.58 -27.16 -34.89
N LYS C 16 1.43 -26.02 -34.23
CA LYS C 16 2.52 -25.08 -34.04
C LYS C 16 2.21 -24.19 -32.85
N THR C 17 3.17 -24.03 -31.94
CA THR C 17 2.96 -23.23 -30.75
C THR C 17 2.72 -21.77 -31.11
N ARG C 18 1.85 -21.12 -30.35
CA ARG C 18 1.57 -19.71 -30.58
C ARG C 18 2.76 -18.83 -30.24
N SER C 19 3.63 -19.27 -29.32
CA SER C 19 4.82 -18.51 -29.00
C SER C 19 5.76 -18.41 -30.19
N SER C 20 5.88 -19.49 -30.96
CA SER C 20 6.70 -19.46 -32.17
C SER C 20 6.13 -18.50 -33.20
N ARG C 21 4.79 -18.39 -33.25
CA ARG C 21 4.16 -17.45 -34.17
C ARG C 21 4.55 -16.01 -33.85
N ALA C 22 4.64 -15.68 -32.57
CA ALA C 22 5.02 -14.35 -32.13
C ALA C 22 6.49 -14.24 -31.73
N GLY C 23 7.25 -15.32 -31.89
CA GLY C 23 8.66 -15.29 -31.54
C GLY C 23 8.94 -15.01 -30.08
N LEU C 24 8.10 -15.51 -29.18
CA LEU C 24 8.25 -15.30 -27.76
C LEU C 24 8.69 -16.58 -27.07
N GLN C 25 9.23 -16.43 -25.87
CA GLN C 25 9.69 -17.57 -25.06
C GLN C 25 8.63 -18.06 -24.07
N PHE C 26 7.96 -17.17 -23.37
CA PHE C 26 6.89 -17.57 -22.46
C PHE C 26 5.69 -18.10 -23.26
N PRO C 27 4.99 -19.10 -22.73
CA PRO C 27 3.94 -19.77 -23.50
C PRO C 27 2.65 -18.97 -23.58
N VAL C 28 2.25 -18.63 -24.80
CA VAL C 28 1.02 -17.88 -24.99
C VAL C 28 -0.17 -18.67 -24.47
N GLY C 29 -0.20 -19.99 -24.74
CA GLY C 29 -1.35 -20.79 -24.34
C GLY C 29 -1.53 -20.86 -22.85
N ARG C 30 -0.43 -20.97 -22.10
CA ARG C 30 -0.51 -21.01 -20.64
C ARG C 30 -0.99 -19.68 -20.08
N VAL C 31 -0.51 -18.57 -20.63
CA VAL C 31 -0.97 -17.25 -20.21
C VAL C 31 -2.45 -17.09 -20.50
N HIS C 32 -2.90 -17.57 -21.66
CA HIS C 32 -4.33 -17.50 -22.00
C HIS C 32 -5.16 -18.33 -21.03
N ARG C 33 -4.69 -19.52 -20.70
CA ARG C 33 -5.41 -20.36 -19.73
C ARG C 33 -5.48 -19.69 -18.37
N LEU C 34 -4.38 -19.09 -17.92
CA LEU C 34 -4.39 -18.40 -16.63
C LEU C 34 -5.35 -17.21 -16.66
N LEU C 35 -5.37 -16.46 -17.76
CA LEU C 35 -6.31 -15.35 -17.88
C LEU C 35 -7.75 -15.83 -17.85
N ARG C 36 -8.03 -16.96 -18.51
CA ARG C 36 -9.39 -17.49 -18.55
C ARG C 36 -9.82 -18.01 -17.18
N LYS C 37 -8.90 -18.62 -16.44
CA LYS C 37 -9.22 -19.27 -15.17
C LYS C 37 -8.86 -18.39 -13.98
N GLY C 38 -8.58 -17.10 -14.20
CA GLY C 38 -8.26 -16.19 -13.12
C GLY C 38 -9.42 -15.35 -12.63
N ASN C 39 -10.61 -15.51 -13.20
CA ASN C 39 -11.80 -14.76 -12.80
C ASN C 39 -11.57 -13.25 -12.90
N TYR C 40 -11.25 -12.81 -14.11
CA TYR C 40 -11.03 -11.40 -14.40
C TYR C 40 -12.21 -10.76 -15.13
N ALA C 41 -12.72 -11.44 -16.16
CA ALA C 41 -13.89 -10.96 -16.89
C ALA C 41 -14.52 -12.13 -17.61
N GLU C 42 -15.67 -11.88 -18.23
CA GLU C 42 -16.38 -12.95 -18.95
C GLU C 42 -15.56 -13.45 -20.13
N ARG C 43 -14.92 -12.56 -20.87
CA ARG C 43 -14.18 -12.91 -22.07
C ARG C 43 -12.80 -12.26 -22.04
N VAL C 44 -11.87 -12.84 -22.81
CA VAL C 44 -10.51 -12.35 -22.92
C VAL C 44 -10.14 -12.27 -24.41
N GLY C 45 -9.40 -11.22 -24.76
CA GLY C 45 -9.01 -11.04 -26.14
C GLY C 45 -7.94 -12.03 -26.58
N ALA C 46 -7.78 -12.14 -27.90
CA ALA C 46 -6.81 -13.08 -28.46
C ALA C 46 -5.38 -12.55 -28.34
N GLY C 47 -5.17 -11.25 -28.51
CA GLY C 47 -3.85 -10.67 -28.45
C GLY C 47 -3.36 -10.30 -27.08
N ALA C 48 -4.24 -10.29 -26.09
CA ALA C 48 -3.84 -9.98 -24.72
C ALA C 48 -2.83 -10.99 -24.16
N PRO C 49 -3.02 -12.31 -24.30
CA PRO C 49 -1.97 -13.23 -23.82
C PRO C 49 -0.64 -13.03 -24.51
N VAL C 50 -0.64 -12.75 -25.82
CA VAL C 50 0.62 -12.51 -26.53
C VAL C 50 1.30 -11.26 -25.99
N TYR C 51 0.52 -10.19 -25.78
CA TYR C 51 1.07 -8.95 -25.26
C TYR C 51 1.65 -9.15 -23.86
N LEU C 52 0.92 -9.86 -22.99
CA LEU C 52 1.41 -10.10 -21.64
C LEU C 52 2.66 -10.97 -21.65
N ALA C 53 2.70 -11.98 -22.53
CA ALA C 53 3.90 -12.80 -22.63
C ALA C 53 5.09 -11.98 -23.10
N ALA C 54 4.87 -11.07 -24.05
CA ALA C 54 5.97 -10.22 -24.52
C ALA C 54 6.48 -9.32 -23.40
N VAL C 55 5.57 -8.72 -22.63
CA VAL C 55 5.99 -7.84 -21.53
C VAL C 55 6.76 -8.63 -20.48
N LEU C 56 6.25 -9.81 -20.11
CA LEU C 56 6.93 -10.64 -19.13
C LEU C 56 8.30 -11.08 -19.62
N GLU C 57 8.40 -11.43 -20.90
CA GLU C 57 9.69 -11.83 -21.46
C GLU C 57 10.68 -10.68 -21.43
N TYR C 58 10.22 -9.47 -21.77
CA TYR C 58 11.13 -8.32 -21.72
C TYR C 58 11.60 -8.05 -20.30
N LEU C 59 10.69 -8.10 -19.32
CA LEU C 59 11.09 -7.89 -17.93
C LEU C 59 12.09 -8.94 -17.48
N THR C 60 11.83 -10.20 -17.81
CA THR C 60 12.73 -11.29 -17.43
C THR C 60 14.11 -11.08 -18.05
N ALA C 61 14.16 -10.75 -19.35
CA ALA C 61 15.45 -10.53 -19.99
C ALA C 61 16.19 -9.35 -19.37
N GLU C 62 15.46 -8.26 -19.08
CA GLU C 62 16.09 -7.08 -18.51
C GLU C 62 16.68 -7.36 -17.14
N ILE C 63 15.94 -8.08 -16.28
CA ILE C 63 16.46 -8.38 -14.95
C ILE C 63 17.60 -9.39 -15.04
N LEU C 64 17.48 -10.38 -15.94
CA LEU C 64 18.50 -11.42 -16.04
C LEU C 64 19.81 -10.89 -16.59
N GLU C 65 19.77 -9.90 -17.51
CA GLU C 65 21.01 -9.32 -18.00
C GLU C 65 21.80 -8.68 -16.86
N LEU C 66 21.14 -7.85 -16.05
CA LEU C 66 21.82 -7.22 -14.92
C LEU C 66 22.27 -8.26 -13.90
N ALA C 67 21.46 -9.30 -13.67
CA ALA C 67 21.86 -10.35 -12.74
C ALA C 67 23.11 -11.07 -13.23
N GLY C 68 23.18 -11.38 -14.53
CA GLY C 68 24.36 -12.03 -15.07
C GLY C 68 25.58 -11.13 -15.01
N ASN C 69 25.41 -9.83 -15.27
CA ASN C 69 26.53 -8.90 -15.14
C ASN C 69 27.03 -8.86 -13.70
N ALA C 70 26.11 -8.83 -12.73
CA ALA C 70 26.52 -8.82 -11.34
C ALA C 70 27.25 -10.11 -10.96
N ALA C 71 26.74 -11.25 -11.44
CA ALA C 71 27.39 -12.53 -11.16
C ALA C 71 28.79 -12.58 -11.76
N ARG C 72 28.95 -12.07 -12.98
CA ARG C 72 30.26 -12.04 -13.62
C ARG C 72 31.21 -11.09 -12.88
N ASP C 73 30.68 -9.99 -12.34
CA ASP C 73 31.52 -9.06 -11.59
C ASP C 73 32.07 -9.67 -10.30
N ASN C 74 31.45 -10.74 -9.81
CA ASN C 74 31.91 -11.41 -8.59
C ASN C 74 32.64 -12.72 -8.89
N LYS C 75 33.12 -12.89 -10.12
CA LYS C 75 33.85 -14.09 -10.54
C LYS C 75 33.01 -15.35 -10.34
N LYS C 76 31.71 -15.26 -10.57
CA LYS C 76 30.81 -16.40 -10.42
C LYS C 76 30.11 -16.68 -11.74
N THR C 77 29.78 -17.96 -11.96
CA THR C 77 29.11 -18.38 -13.17
C THR C 77 27.63 -18.72 -12.96
N ARG C 78 27.21 -18.94 -11.72
CA ARG C 78 25.83 -19.26 -11.40
C ARG C 78 25.22 -18.12 -10.60
N ILE C 79 24.10 -17.60 -11.08
CA ILE C 79 23.46 -16.45 -10.43
C ILE C 79 22.88 -16.88 -9.09
N ILE C 80 23.17 -16.12 -8.05
CA ILE C 80 22.67 -16.40 -6.70
C ILE C 80 21.74 -15.26 -6.29
N PRO C 81 20.84 -15.46 -5.31
CA PRO C 81 19.96 -14.37 -4.88
C PRO C 81 20.66 -13.07 -4.56
N ARG C 82 21.92 -13.13 -4.10
CA ARG C 82 22.66 -11.90 -3.85
C ARG C 82 22.81 -11.08 -5.12
N HIS C 83 23.14 -11.74 -6.23
CA HIS C 83 23.26 -11.02 -7.51
C HIS C 83 21.93 -10.44 -7.95
N LEU C 84 20.84 -11.18 -7.75
CA LEU C 84 19.51 -10.66 -8.08
C LEU C 84 19.19 -9.41 -7.27
N GLN C 85 19.47 -9.44 -5.97
CA GLN C 85 19.21 -8.28 -5.13
C GLN C 85 20.06 -7.09 -5.55
N LEU C 86 21.34 -7.33 -5.85
CA LEU C 86 22.21 -6.25 -6.29
C LEU C 86 21.73 -5.64 -7.60
N ALA C 87 21.34 -6.49 -8.55
CA ALA C 87 20.84 -6.00 -9.84
C ALA C 87 19.56 -5.20 -9.67
N VAL C 88 18.64 -5.68 -8.82
CA VAL C 88 17.38 -4.97 -8.62
C VAL C 88 17.62 -3.62 -7.95
N ARG C 89 18.40 -3.61 -6.86
CA ARG C 89 18.58 -2.39 -6.10
C ARG C 89 19.49 -1.38 -6.79
N ASN C 90 20.39 -1.82 -7.67
CA ASN C 90 21.29 -0.92 -8.36
C ASN C 90 20.62 -0.22 -9.54
N ASP C 91 19.44 -0.68 -9.96
CA ASP C 91 18.69 -0.06 -11.04
C ASP C 91 17.56 0.78 -10.44
N GLU C 92 17.53 2.07 -10.77
CA GLU C 92 16.56 2.98 -10.17
C GLU C 92 15.13 2.58 -10.52
N GLU C 93 14.86 2.36 -11.81
CA GLU C 93 13.52 1.99 -12.23
C GLU C 93 13.10 0.65 -11.64
N LEU C 94 14.01 -0.32 -11.65
CA LEU C 94 13.70 -1.62 -11.05
C LEU C 94 13.50 -1.49 -9.54
N ASN C 95 14.30 -0.62 -8.89
CA ASN C 95 14.10 -0.39 -7.47
C ASN C 95 12.71 0.19 -7.18
N LYS C 96 12.26 1.13 -8.02
CA LYS C 96 10.91 1.64 -7.86
C LYS C 96 9.87 0.56 -8.09
N LEU C 97 10.10 -0.30 -9.08
CA LEU C 97 9.13 -1.37 -9.38
C LEU C 97 9.00 -2.34 -8.22
N LEU C 98 10.11 -2.68 -7.58
CA LEU C 98 10.13 -3.63 -6.46
C LEU C 98 10.49 -2.93 -5.15
N GLY C 99 9.93 -1.73 -4.93
CA GLY C 99 10.25 -0.98 -3.72
C GLY C 99 9.65 -1.58 -2.45
N ARG C 100 8.62 -2.41 -2.59
CA ARG C 100 7.99 -3.09 -1.45
C ARG C 100 8.25 -4.59 -1.47
N VAL C 101 9.29 -5.03 -2.17
CA VAL C 101 9.63 -6.44 -2.30
C VAL C 101 10.98 -6.69 -1.64
N THR C 102 11.03 -7.73 -0.81
CA THR C 102 12.26 -8.13 -0.14
C THR C 102 12.67 -9.51 -0.67
N ILE C 103 13.96 -9.68 -0.95
CA ILE C 103 14.49 -10.88 -1.56
C ILE C 103 15.26 -11.68 -0.53
N ALA C 104 14.90 -12.95 -0.37
CA ALA C 104 15.62 -13.84 0.52
C ALA C 104 17.04 -14.08 0.02
N GLN C 105 17.99 -14.17 0.95
CA GLN C 105 19.40 -14.35 0.63
C GLN C 105 19.91 -13.22 -0.27
N GLY C 106 19.38 -12.02 -0.08
CA GLY C 106 19.78 -10.89 -0.90
C GLY C 106 20.64 -9.88 -0.16
N GLY C 107 20.46 -9.77 1.16
CA GLY C 107 21.23 -8.80 1.90
C GLY C 107 20.80 -7.38 1.57
N VAL C 108 21.73 -6.45 1.79
CA VAL C 108 21.50 -5.02 1.54
C VAL C 108 22.67 -4.47 0.76
N LEU C 109 22.45 -3.34 0.09
CA LEU C 109 23.53 -2.70 -0.63
C LEU C 109 24.58 -2.18 0.35
N PRO C 110 25.88 -2.26 0.00
CA PRO C 110 26.89 -1.61 0.83
C PRO C 110 26.70 -0.11 0.83
N ASN C 111 26.33 0.45 1.99
CA ASN C 111 26.11 1.88 2.12
C ASN C 111 26.48 2.32 3.54
N ILE C 112 27.48 3.20 3.62
CA ILE C 112 27.96 3.73 4.90
C ILE C 112 27.90 5.25 4.83
N GLN C 113 27.32 5.86 5.86
CA GLN C 113 27.14 7.31 5.88
C GLN C 113 28.49 8.01 5.97
N SER C 114 28.58 9.16 5.30
CA SER C 114 29.82 9.93 5.30
C SER C 114 30.16 10.44 6.70
N VAL C 115 29.16 10.87 7.46
CA VAL C 115 29.40 11.41 8.80
C VAL C 115 29.99 10.35 9.73
N LEU C 116 29.68 9.08 9.48
CA LEU C 116 30.23 8.01 10.30
C LEU C 116 31.72 7.77 10.03
N LEU C 117 32.21 8.18 8.87
CA LEU C 117 33.62 7.98 8.55
C LEU C 117 34.49 8.88 9.42
N PRO C 118 35.67 8.40 9.81
CA PRO C 118 36.60 9.23 10.57
C PRO C 118 37.23 10.30 9.69
N LYS C 119 37.65 11.38 10.33
CA LYS C 119 38.28 12.49 9.64
C LYS C 119 39.23 13.25 10.57
N SER D 33 1.28 -35.43 -7.69
CA SER D 33 0.90 -34.43 -8.67
C SER D 33 2.12 -33.71 -9.23
N ARG D 34 1.94 -33.03 -10.36
CA ARG D 34 3.01 -32.28 -11.01
C ARG D 34 2.88 -30.79 -10.66
N LYS D 35 4.03 -30.13 -10.54
CA LYS D 35 4.08 -28.72 -10.18
C LYS D 35 4.37 -27.88 -11.42
N GLU D 36 3.59 -26.84 -11.62
CA GLU D 36 3.77 -25.94 -12.75
C GLU D 36 4.63 -24.74 -12.36
N SER D 37 5.57 -24.39 -13.24
CA SER D 37 6.51 -23.31 -12.96
C SER D 37 7.08 -22.80 -14.27
N TYR D 38 7.82 -21.71 -14.17
CA TYR D 38 8.44 -21.05 -15.32
C TYR D 38 9.95 -21.29 -15.39
N ALA D 39 10.44 -22.36 -14.76
CA ALA D 39 11.87 -22.58 -14.63
C ALA D 39 12.57 -22.70 -15.99
N ILE D 40 12.04 -23.57 -16.86
CA ILE D 40 12.71 -23.81 -18.13
C ILE D 40 12.65 -22.59 -19.03
N TYR D 41 11.55 -21.84 -18.99
CA TYR D 41 11.44 -20.63 -19.79
C TYR D 41 12.47 -19.59 -19.34
N VAL D 42 12.60 -19.40 -18.02
CA VAL D 42 13.59 -18.47 -17.51
C VAL D 42 14.99 -18.95 -17.87
N TYR D 43 15.22 -20.26 -17.84
CA TYR D 43 16.51 -20.81 -18.25
C TYR D 43 16.83 -20.51 -19.70
N LYS D 44 15.82 -20.63 -20.57
CA LYS D 44 16.02 -20.34 -22.00
C LYS D 44 16.30 -18.86 -22.22
N VAL D 45 15.58 -17.99 -21.50
CA VAL D 45 15.85 -16.56 -21.61
C VAL D 45 17.27 -16.25 -21.14
N LEU D 46 17.70 -16.88 -20.04
CA LEU D 46 19.05 -16.66 -19.53
C LEU D 46 20.09 -17.12 -20.54
N LYS D 47 19.87 -18.27 -21.18
CA LYS D 47 20.78 -18.74 -22.20
C LYS D 47 20.81 -17.80 -23.40
N GLN D 48 19.67 -17.20 -23.72
CA GLN D 48 19.63 -16.26 -24.83
C GLN D 48 20.35 -14.96 -24.49
N VAL D 49 20.34 -14.55 -23.22
CA VAL D 49 20.98 -13.30 -22.84
C VAL D 49 22.41 -13.56 -22.37
N HIS D 50 22.66 -14.75 -21.83
CA HIS D 50 23.99 -15.14 -21.36
C HIS D 50 24.17 -16.64 -21.59
N PRO D 51 24.78 -17.04 -22.71
CA PRO D 51 24.94 -18.47 -22.99
C PRO D 51 25.75 -19.22 -21.95
N ASP D 52 26.74 -18.58 -21.33
CA ASP D 52 27.67 -19.25 -20.42
C ASP D 52 27.43 -18.88 -18.96
N THR D 53 26.18 -18.60 -18.59
CA THR D 53 25.84 -18.27 -17.21
C THR D 53 24.80 -19.25 -16.69
N GLY D 54 25.00 -19.71 -15.44
CA GLY D 54 24.10 -20.65 -14.82
C GLY D 54 23.07 -19.95 -13.94
N ILE D 55 22.29 -20.77 -13.23
CA ILE D 55 21.23 -20.28 -12.36
C ILE D 55 21.05 -21.27 -11.22
N SER D 56 20.82 -20.75 -10.03
CA SER D 56 20.61 -21.57 -8.85
C SER D 56 19.11 -21.83 -8.64
N SER D 57 18.82 -22.87 -7.84
CA SER D 57 17.42 -23.22 -7.56
C SER D 57 16.72 -22.10 -6.81
N LYS D 58 17.39 -21.51 -5.82
CA LYS D 58 16.77 -20.41 -5.08
C LYS D 58 16.51 -19.21 -5.99
N ALA D 59 17.48 -18.88 -6.85
CA ALA D 59 17.28 -17.79 -7.80
C ALA D 59 16.17 -18.11 -8.79
N MET D 60 16.06 -19.38 -9.19
CA MET D 60 14.96 -19.79 -10.07
C MET D 60 13.61 -19.59 -9.39
N SER D 61 13.51 -19.96 -8.11
CA SER D 61 12.26 -19.76 -7.38
C SER D 61 11.95 -18.28 -7.23
N ILE D 62 12.98 -17.46 -6.98
CA ILE D 62 12.77 -16.01 -6.86
C ILE D 62 12.27 -15.44 -8.18
N MET D 63 12.87 -15.87 -9.29
CA MET D 63 12.43 -15.41 -10.60
C MET D 63 10.99 -15.83 -10.88
N ASN D 64 10.64 -17.07 -10.53
CA ASN D 64 9.27 -17.53 -10.72
C ASN D 64 8.29 -16.71 -9.90
N SER D 65 8.64 -16.41 -8.65
CA SER D 65 7.77 -15.59 -7.80
C SER D 65 7.61 -14.18 -8.37
N PHE D 66 8.70 -13.61 -8.88
CA PHE D 66 8.63 -12.28 -9.48
C PHE D 66 7.74 -12.28 -10.71
N VAL D 67 7.87 -13.31 -11.55
CA VAL D 67 7.04 -13.39 -12.75
C VAL D 67 5.57 -13.54 -12.37
N ASN D 68 5.28 -14.39 -11.38
CA ASN D 68 3.90 -14.57 -10.93
C ASN D 68 3.33 -13.27 -10.38
N ASP D 69 4.13 -12.54 -9.60
CA ASP D 69 3.66 -11.28 -9.02
C ASP D 69 3.35 -10.26 -10.11
N VAL D 70 4.25 -10.12 -11.09
CA VAL D 70 4.02 -9.18 -12.18
C VAL D 70 2.79 -9.59 -12.99
N PHE D 71 2.63 -10.89 -13.24
CA PHE D 71 1.47 -11.39 -13.96
C PHE D 71 0.19 -11.04 -13.22
N GLU D 72 0.17 -11.25 -11.90
CA GLU D 72 -1.02 -10.95 -11.11
C GLU D 72 -1.32 -9.47 -11.13
N ARG D 73 -0.30 -8.63 -10.98
CA ARG D 73 -0.50 -7.18 -10.99
C ARG D 73 -1.07 -6.70 -12.32
N ILE D 74 -0.50 -7.16 -13.44
CA ILE D 74 -0.96 -6.72 -14.75
C ILE D 74 -2.37 -7.22 -15.01
N ALA D 75 -2.66 -8.48 -14.65
CA ALA D 75 -4.01 -9.01 -14.84
C ALA D 75 -5.04 -8.26 -14.03
N GLY D 76 -4.75 -7.97 -12.77
CA GLY D 76 -5.69 -7.19 -11.97
C GLY D 76 -5.92 -5.80 -12.52
N GLU D 77 -4.82 -5.12 -12.90
CA GLU D 77 -4.94 -3.80 -13.50
C GLU D 77 -5.82 -3.84 -14.73
N ALA D 78 -5.62 -4.83 -15.59
CA ALA D 78 -6.43 -4.90 -16.80
C ALA D 78 -7.88 -5.19 -16.48
N SER D 79 -8.12 -6.08 -15.51
CA SER D 79 -9.49 -6.42 -15.15
C SER D 79 -10.21 -5.21 -14.58
N ARG D 80 -9.54 -4.47 -13.70
CA ARG D 80 -10.12 -3.25 -13.14
C ARG D 80 -10.35 -2.22 -14.24
N LEU D 81 -9.39 -2.07 -15.16
CA LEU D 81 -9.58 -1.13 -16.26
C LEU D 81 -10.82 -1.47 -17.08
N ALA D 82 -10.99 -2.75 -17.43
CA ALA D 82 -12.16 -3.17 -18.20
C ALA D 82 -13.45 -2.97 -17.41
N HIS D 83 -13.39 -3.23 -16.10
CA HIS D 83 -14.57 -3.08 -15.25
C HIS D 83 -15.04 -1.64 -15.19
N TYR D 84 -14.12 -0.68 -15.07
CA TYR D 84 -14.52 0.72 -14.99
C TYR D 84 -15.19 1.20 -16.27
N ASN D 85 -14.85 0.62 -17.42
CA ASN D 85 -15.37 1.02 -18.71
C ASN D 85 -16.58 0.18 -19.13
N LYS D 86 -17.18 -0.56 -18.18
CA LYS D 86 -18.33 -1.42 -18.46
C LYS D 86 -18.05 -2.38 -19.61
N ARG D 87 -16.83 -2.93 -19.62
CA ARG D 87 -16.38 -3.83 -20.66
C ARG D 87 -16.01 -5.17 -20.05
N SER D 88 -16.31 -6.25 -20.78
CA SER D 88 -16.12 -7.60 -20.28
C SER D 88 -15.12 -8.38 -21.12
N THR D 89 -14.17 -7.68 -21.73
CA THR D 89 -13.14 -8.34 -22.54
C THR D 89 -11.83 -7.60 -22.36
N ILE D 90 -10.79 -8.34 -21.97
CA ILE D 90 -9.44 -7.77 -21.85
C ILE D 90 -8.79 -7.88 -23.22
N THR D 91 -8.54 -6.73 -23.85
CA THR D 91 -7.89 -6.67 -25.14
C THR D 91 -6.43 -6.21 -24.96
N SER D 92 -5.76 -6.01 -26.10
CA SER D 92 -4.36 -5.57 -26.04
C SER D 92 -4.24 -4.17 -25.44
N ARG D 93 -5.25 -3.31 -25.64
CA ARG D 93 -5.18 -1.96 -25.13
C ARG D 93 -5.22 -1.93 -23.60
N GLU D 94 -6.01 -2.81 -22.98
CA GLU D 94 -6.05 -2.88 -21.53
C GLU D 94 -4.70 -3.28 -20.97
N ILE D 95 -4.04 -4.28 -21.58
CA ILE D 95 -2.72 -4.68 -21.12
C ILE D 95 -1.71 -3.56 -21.33
N GLN D 96 -1.82 -2.84 -22.45
CA GLN D 96 -0.94 -1.71 -22.71
C GLN D 96 -1.09 -0.63 -21.64
N THR D 97 -2.34 -0.29 -21.30
CA THR D 97 -2.58 0.74 -20.30
C THR D 97 -2.09 0.28 -18.92
N ALA D 98 -2.30 -1.00 -18.60
CA ALA D 98 -1.81 -1.55 -17.35
C ALA D 98 -0.29 -1.47 -17.27
N VAL D 99 0.39 -1.78 -18.37
CA VAL D 99 1.84 -1.68 -18.42
C VAL D 99 2.28 -0.23 -18.22
N ARG D 100 1.58 0.71 -18.86
CA ARG D 100 1.91 2.12 -18.69
C ARG D 100 1.75 2.57 -17.25
N LEU D 101 0.66 2.13 -16.60
CA LEU D 101 0.42 2.54 -15.22
C LEU D 101 1.42 1.92 -14.26
N LEU D 102 1.75 0.63 -14.46
CA LEU D 102 2.55 -0.07 -13.47
C LEU D 102 4.05 0.17 -13.68
N LEU D 103 4.55 -0.03 -14.89
CA LEU D 103 5.98 0.13 -15.15
C LEU D 103 6.35 1.60 -15.23
N PRO D 104 7.37 2.06 -14.49
CA PRO D 104 7.72 3.48 -14.51
C PRO D 104 8.53 3.85 -15.73
N GLY D 105 8.08 4.87 -16.45
CA GLY D 105 8.84 5.49 -17.53
C GLY D 105 9.43 4.59 -18.60
N GLU D 106 10.77 4.55 -18.66
CA GLU D 106 11.46 3.82 -19.73
C GLU D 106 11.12 2.34 -19.74
N LEU D 107 10.88 1.75 -18.56
CA LEU D 107 10.43 0.36 -18.52
C LEU D 107 9.12 0.20 -19.26
N ALA D 108 8.15 1.09 -18.99
CA ALA D 108 6.87 1.01 -19.68
C ALA D 108 7.02 1.26 -21.18
N LYS D 109 7.88 2.20 -21.57
CA LYS D 109 8.07 2.49 -22.98
C LYS D 109 8.66 1.29 -23.72
N HIS D 110 9.70 0.67 -23.14
CA HIS D 110 10.27 -0.51 -23.79
C HIS D 110 9.29 -1.67 -23.81
N ALA D 111 8.53 -1.84 -22.72
CA ALA D 111 7.55 -2.92 -22.67
C ALA D 111 6.45 -2.74 -23.72
N VAL D 112 5.94 -1.51 -23.88
CA VAL D 112 4.91 -1.28 -24.88
C VAL D 112 5.48 -1.44 -26.29
N SER D 113 6.74 -1.04 -26.50
CA SER D 113 7.35 -1.26 -27.81
C SER D 113 7.46 -2.75 -28.13
N GLU D 114 7.97 -3.54 -27.17
CA GLU D 114 8.10 -4.97 -27.40
C GLU D 114 6.75 -5.63 -27.59
N GLY D 115 5.75 -5.24 -26.79
CA GLY D 115 4.42 -5.82 -26.95
C GLY D 115 3.80 -5.50 -28.29
N THR D 116 3.94 -4.25 -28.74
CA THR D 116 3.41 -3.86 -30.04
C THR D 116 4.08 -4.64 -31.15
N LYS D 117 5.42 -4.76 -31.10
CA LYS D 117 6.12 -5.53 -32.11
C LYS D 117 5.66 -6.99 -32.12
N ALA D 118 5.54 -7.59 -30.94
CA ALA D 118 5.14 -8.99 -30.84
C ALA D 118 3.74 -9.21 -31.39
N VAL D 119 2.79 -8.37 -30.99
CA VAL D 119 1.42 -8.56 -31.45
C VAL D 119 1.30 -8.30 -32.94
N THR D 120 2.04 -7.31 -33.46
CA THR D 120 2.01 -7.04 -34.90
C THR D 120 2.56 -8.22 -35.69
N LYS D 121 3.72 -8.75 -35.28
CA LYS D 121 4.28 -9.88 -36.01
C LYS D 121 3.43 -11.14 -35.84
N TYR D 122 2.72 -11.26 -34.72
CA TYR D 122 1.82 -12.39 -34.54
C TYR D 122 0.62 -12.30 -35.46
N THR D 123 -0.03 -11.13 -35.52
CA THR D 123 -1.21 -10.96 -36.35
C THR D 123 -0.89 -10.83 -37.83
N SER D 124 0.38 -10.62 -38.19
CA SER D 124 0.78 -10.54 -39.59
C SER D 124 1.12 -11.90 -40.18
N ALA D 125 1.05 -12.97 -39.39
CA ALA D 125 1.36 -14.30 -39.89
C ALA D 125 0.58 -15.37 -39.11
N ARG E 41 45.50 -2.41 20.88
CA ARG E 41 44.08 -2.06 20.99
C ARG E 41 43.67 -1.02 19.96
N TYR E 42 42.52 -1.23 19.34
CA TYR E 42 41.98 -0.29 18.38
C TYR E 42 41.16 0.79 19.08
N ARG E 43 41.17 1.98 18.51
CA ARG E 43 40.33 3.06 19.00
C ARG E 43 38.86 2.68 18.82
N PRO E 44 37.99 3.07 19.74
CA PRO E 44 36.56 2.75 19.58
C PRO E 44 36.01 3.29 18.26
N GLY E 45 35.26 2.44 17.56
CA GLY E 45 34.68 2.83 16.30
C GLY E 45 35.20 2.06 15.10
N THR E 46 36.50 1.79 15.06
CA THR E 46 37.08 1.09 13.92
C THR E 46 36.48 -0.31 13.77
N VAL E 47 36.38 -1.05 14.89
CA VAL E 47 35.75 -2.36 14.84
C VAL E 47 34.28 -2.24 14.46
N ALA E 48 33.63 -1.14 14.85
CA ALA E 48 32.23 -0.94 14.49
C ALA E 48 32.06 -0.85 12.97
N LEU E 49 32.86 -0.02 12.31
CA LEU E 49 32.81 0.07 10.86
C LEU E 49 33.23 -1.23 10.20
N ARG E 50 34.21 -1.93 10.79
CA ARG E 50 34.62 -3.21 10.24
C ARG E 50 33.46 -4.21 10.25
N GLU E 51 32.73 -4.29 11.37
CA GLU E 51 31.58 -5.17 11.44
C GLU E 51 30.47 -4.70 10.50
N ILE E 52 30.30 -3.38 10.36
CA ILE E 52 29.30 -2.86 9.42
C ILE E 52 29.60 -3.36 8.01
N ARG E 53 30.85 -3.21 7.58
CA ARG E 53 31.25 -3.70 6.26
C ARG E 53 31.07 -5.21 6.14
N ARG E 54 31.47 -5.96 7.18
CA ARG E 54 31.39 -7.42 7.12
C ARG E 54 29.95 -7.88 6.97
N TYR E 55 29.03 -7.31 7.75
CA TYR E 55 27.64 -7.75 7.67
C TYR E 55 26.92 -7.17 6.46
N GLN E 56 27.37 -6.03 5.93
CA GLN E 56 26.80 -5.53 4.68
C GLN E 56 27.30 -6.30 3.48
N LYS E 57 28.44 -7.00 3.61
CA LYS E 57 28.92 -7.84 2.54
C LYS E 57 28.37 -9.27 2.61
N SER E 58 27.97 -9.71 3.80
CA SER E 58 27.43 -11.05 3.98
C SER E 58 25.90 -11.03 3.92
N THR E 59 25.31 -12.22 3.73
CA THR E 59 23.88 -12.34 3.56
C THR E 59 23.25 -13.39 4.46
N GLU E 60 24.02 -14.09 5.28
CA GLU E 60 23.47 -15.14 6.12
C GLU E 60 22.61 -14.54 7.24
N LEU E 61 21.75 -15.37 7.81
CA LEU E 61 20.90 -14.93 8.91
C LEU E 61 21.72 -14.52 10.13
N LEU E 62 21.20 -13.55 10.88
CA LEU E 62 21.86 -13.01 12.05
C LEU E 62 21.15 -13.34 13.35
N ILE E 63 20.04 -14.07 13.30
CA ILE E 63 19.26 -14.42 14.47
C ILE E 63 19.31 -15.93 14.66
N ARG E 64 19.51 -16.35 15.92
CA ARG E 64 19.53 -17.77 16.23
C ARG E 64 18.19 -18.42 15.89
N LYS E 65 18.25 -19.59 15.24
CA LYS E 65 17.04 -20.20 14.72
C LYS E 65 16.13 -20.71 15.83
N LEU E 66 16.69 -21.44 16.80
CA LEU E 66 15.85 -22.06 17.83
C LEU E 66 15.15 -21.04 18.72
N PRO E 67 15.83 -20.01 19.25
CA PRO E 67 15.07 -19.01 20.03
C PRO E 67 13.98 -18.33 19.23
N PHE E 68 14.23 -18.04 17.95
CA PHE E 68 13.20 -17.41 17.13
C PHE E 68 12.03 -18.34 16.91
N GLN E 69 12.30 -19.64 16.69
CA GLN E 69 11.23 -20.61 16.55
C GLN E 69 10.39 -20.71 17.82
N ARG E 70 11.06 -20.70 18.98
CA ARG E 70 10.32 -20.74 20.25
C ARG E 70 9.48 -19.49 20.43
N LEU E 71 10.01 -18.32 20.05
CA LEU E 71 9.23 -17.09 20.13
C LEU E 71 8.01 -17.16 19.21
N VAL E 72 8.18 -17.70 18.00
CA VAL E 72 7.06 -17.85 17.08
C VAL E 72 6.01 -18.78 17.66
N ARG E 73 6.43 -19.89 18.28
CA ARG E 73 5.47 -20.79 18.90
C ARG E 73 4.73 -20.11 20.04
N GLU E 74 5.44 -19.33 20.87
CA GLU E 74 4.78 -18.59 21.95
C GLU E 74 3.75 -17.62 21.39
N ILE E 75 4.09 -16.89 20.34
CA ILE E 75 3.17 -15.92 19.77
C ILE E 75 1.95 -16.62 19.16
N ALA E 76 2.18 -17.75 18.49
CA ALA E 76 1.05 -18.49 17.90
C ALA E 76 0.18 -19.13 18.96
N GLN E 77 0.74 -19.41 20.14
CA GLN E 77 -0.06 -20.00 21.22
C GLN E 77 -1.18 -19.06 21.66
N ASP E 78 -1.02 -17.76 21.44
CA ASP E 78 -2.03 -16.78 21.82
C ASP E 78 -3.22 -16.75 20.87
N PHE E 79 -3.18 -17.48 19.76
CA PHE E 79 -4.26 -17.50 18.79
C PHE E 79 -4.89 -18.88 18.66
N LYS E 80 -4.08 -19.93 18.51
CA LYS E 80 -4.59 -21.29 18.40
C LYS E 80 -3.65 -22.23 19.11
N THR E 81 -4.21 -23.24 19.77
CA THR E 81 -3.44 -24.20 20.53
C THR E 81 -3.05 -25.39 19.65
N ASP E 82 -1.93 -26.03 20.02
CA ASP E 82 -1.46 -27.25 19.34
C ASP E 82 -1.24 -27.00 17.84
N LEU E 83 -0.59 -25.88 17.52
CA LEU E 83 -0.31 -25.53 16.14
C LEU E 83 1.02 -26.13 15.71
N ARG E 84 1.06 -26.67 14.50
CA ARG E 84 2.27 -27.20 13.91
C ARG E 84 2.80 -26.24 12.85
N PHE E 85 4.13 -26.15 12.77
CA PHE E 85 4.79 -25.23 11.86
C PHE E 85 5.77 -25.96 10.95
N GLN E 86 5.76 -25.60 9.67
CA GLN E 86 6.74 -26.11 8.73
C GLN E 86 8.04 -25.32 8.84
N SER E 87 9.15 -25.97 8.48
CA SER E 87 10.44 -25.32 8.54
C SER E 87 10.51 -24.12 7.60
N SER E 88 9.96 -24.27 6.39
CA SER E 88 10.00 -23.19 5.42
C SER E 88 9.22 -21.97 5.89
N ALA E 89 8.09 -22.17 6.58
CA ALA E 89 7.34 -21.05 7.13
C ALA E 89 8.16 -20.30 8.17
N VAL E 90 8.87 -21.04 9.04
CA VAL E 90 9.71 -20.41 10.06
C VAL E 90 10.84 -19.63 9.40
N MET E 91 11.46 -20.19 8.36
CA MET E 91 12.52 -19.50 7.67
C MET E 91 12.02 -18.22 7.00
N ALA E 92 10.84 -18.29 6.37
CA ALA E 92 10.27 -17.09 5.75
C ALA E 92 9.95 -16.03 6.79
N LEU E 93 9.41 -16.44 7.95
CA LEU E 93 9.15 -15.49 9.02
C LEU E 93 10.43 -14.82 9.50
N GLN E 94 11.49 -15.62 9.68
CA GLN E 94 12.76 -15.06 10.11
C GLN E 94 13.33 -14.09 9.09
N GLU E 95 13.24 -14.44 7.79
CA GLU E 95 13.74 -13.56 6.75
C GLU E 95 12.99 -12.23 6.73
N ALA E 96 11.66 -12.30 6.80
CA ALA E 96 10.86 -11.08 6.81
C ALA E 96 11.16 -10.23 8.04
N SER E 97 11.29 -10.87 9.21
CA SER E 97 11.59 -10.13 10.43
C SER E 97 12.95 -9.45 10.33
N GLU E 98 13.96 -10.16 9.82
CA GLU E 98 15.29 -9.57 9.68
C GLU E 98 15.28 -8.40 8.70
N ALA E 99 14.58 -8.54 7.56
CA ALA E 99 14.51 -7.45 6.61
C ALA E 99 13.82 -6.23 7.22
N TYR E 100 12.72 -6.45 7.92
CA TYR E 100 12.02 -5.33 8.54
C TYR E 100 12.87 -4.67 9.61
N LEU E 101 13.59 -5.47 10.40
CA LEU E 101 14.45 -4.91 11.44
C LEU E 101 15.60 -4.11 10.84
N VAL E 102 16.18 -4.60 9.74
CA VAL E 102 17.26 -3.88 9.08
C VAL E 102 16.75 -2.54 8.54
N ALA E 103 15.57 -2.54 7.93
CA ALA E 103 15.01 -1.28 7.44
C ALA E 103 14.73 -0.32 8.59
N LEU E 104 14.19 -0.83 9.70
CA LEU E 104 13.91 0.01 10.86
C LEU E 104 15.19 0.60 11.43
N PHE E 105 16.25 -0.19 11.51
CA PHE E 105 17.53 0.32 12.00
C PHE E 105 18.13 1.35 11.04
N GLU E 106 17.95 1.17 9.73
CA GLU E 106 18.41 2.18 8.78
C GLU E 106 17.69 3.50 9.01
N ASP E 107 16.37 3.45 9.17
CA ASP E 107 15.61 4.67 9.42
C ASP E 107 16.01 5.29 10.75
N THR E 108 16.24 4.45 11.77
CA THR E 108 16.67 4.95 13.08
C THR E 108 18.02 5.64 12.99
N ASN E 109 18.96 5.06 12.23
CA ASN E 109 20.26 5.68 12.04
C ASN E 109 20.12 7.01 11.31
N LEU E 110 19.27 7.07 10.29
CA LEU E 110 19.05 8.35 9.60
C LEU E 110 18.49 9.40 10.54
N CYS E 111 17.51 9.02 11.37
CA CYS E 111 16.93 9.96 12.32
C CYS E 111 17.97 10.43 13.34
N ALA E 112 18.80 9.50 13.83
CA ALA E 112 19.84 9.86 14.79
C ALA E 112 20.85 10.83 14.18
N ILE E 113 21.28 10.57 12.94
CA ILE E 113 22.20 11.49 12.27
C ILE E 113 21.54 12.84 12.05
N HIS E 114 20.24 12.86 11.78
CA HIS E 114 19.53 14.13 11.64
C HIS E 114 19.63 14.97 12.91
N ALA E 115 19.63 14.31 14.07
CA ALA E 115 19.76 14.99 15.35
C ALA E 115 21.20 15.34 15.72
N LYS E 116 22.11 15.30 14.73
CA LYS E 116 23.52 15.64 14.94
C LYS E 116 24.21 14.71 15.93
N ARG E 117 23.69 13.50 16.08
CA ARG E 117 24.27 12.49 16.95
C ARG E 117 24.74 11.30 16.13
N VAL E 118 25.40 10.35 16.81
CA VAL E 118 25.82 9.10 16.21
C VAL E 118 25.36 7.88 16.98
N THR E 119 24.60 8.07 18.07
CA THR E 119 24.11 6.97 18.90
C THR E 119 22.60 6.90 18.77
N ILE E 120 22.09 5.76 18.29
CA ILE E 120 20.65 5.58 18.17
C ILE E 120 20.03 5.45 19.55
N MET E 121 18.80 5.93 19.68
CA MET E 121 18.05 5.90 20.92
C MET E 121 16.62 5.45 20.63
N PRO E 122 15.91 4.94 21.64
CA PRO E 122 14.51 4.54 21.42
C PRO E 122 13.63 5.64 20.86
N LYS E 123 13.92 6.90 21.19
CA LYS E 123 13.16 8.01 20.62
C LYS E 123 13.26 8.05 19.10
N ASP E 124 14.44 7.71 18.56
CA ASP E 124 14.60 7.66 17.12
C ASP E 124 13.73 6.57 16.51
N ILE E 125 13.68 5.40 17.14
CA ILE E 125 12.83 4.32 16.65
C ILE E 125 11.36 4.73 16.70
N GLN E 126 10.95 5.38 17.79
CA GLN E 126 9.56 5.82 17.90
C GLN E 126 9.23 6.84 16.81
N LEU E 127 10.13 7.78 16.55
CA LEU E 127 9.90 8.76 15.50
C LEU E 127 9.81 8.08 14.13
N ALA E 128 10.70 7.12 13.85
CA ALA E 128 10.67 6.42 12.58
C ALA E 128 9.37 5.67 12.39
N ARG E 129 8.91 4.95 13.43
CA ARG E 129 7.66 4.22 13.32
C ARG E 129 6.47 5.16 13.19
N ARG E 130 6.49 6.29 13.89
CA ARG E 130 5.40 7.26 13.77
C ARG E 130 5.33 7.83 12.36
N ILE E 131 6.47 8.18 11.78
CA ILE E 131 6.47 8.69 10.41
C ILE E 131 6.04 7.60 9.43
N ARG E 132 6.46 6.36 9.66
CA ARG E 132 6.03 5.25 8.81
C ARG E 132 4.53 5.02 8.87
N GLY E 133 3.87 5.49 9.93
CA GLY E 133 2.45 5.26 10.10
C GLY E 133 2.09 4.02 10.89
N GLU E 134 3.06 3.39 11.55
CA GLU E 134 2.79 2.19 12.34
C GLU E 134 2.26 2.50 13.73
N ARG E 135 2.27 3.76 14.14
CA ARG E 135 1.78 4.15 15.46
C ARG E 135 1.23 5.57 15.45
N ARG F 18 0.73 -36.23 24.60
CA ARG F 18 -0.01 -35.91 25.82
C ARG F 18 0.70 -34.83 26.62
N HIS F 19 1.76 -34.28 26.05
CA HIS F 19 2.55 -33.23 26.70
C HIS F 19 2.19 -31.88 26.07
N ARG F 20 1.55 -31.02 26.84
CA ARG F 20 1.17 -29.69 26.40
C ARG F 20 2.19 -28.71 27.01
N LYS F 21 3.28 -28.49 26.31
CA LYS F 21 4.34 -27.62 26.79
C LYS F 21 3.99 -26.17 26.54
N VAL F 22 4.08 -25.35 27.58
CA VAL F 22 3.85 -23.91 27.51
C VAL F 22 5.19 -23.23 27.58
N LEU F 23 5.57 -22.54 26.50
CA LEU F 23 6.84 -21.84 26.42
C LEU F 23 6.65 -20.39 26.84
N ARG F 24 7.63 -19.85 27.57
CA ARG F 24 7.54 -18.48 28.06
C ARG F 24 8.94 -17.90 28.17
N ASP F 25 9.02 -16.57 28.05
CA ASP F 25 10.25 -15.81 28.28
C ASP F 25 11.33 -16.15 27.25
N ASN F 26 10.93 -16.58 26.05
CA ASN F 26 11.90 -16.73 24.96
C ASN F 26 12.12 -15.44 24.18
N ILE F 27 11.42 -14.36 24.53
CA ILE F 27 11.73 -13.06 23.95
C ILE F 27 13.14 -12.64 24.34
N GLN F 28 13.63 -13.10 25.49
CA GLN F 28 15.03 -12.88 25.86
C GLN F 28 15.98 -13.72 25.03
N GLY F 29 15.47 -14.69 24.27
CA GLY F 29 16.30 -15.46 23.36
C GLY F 29 16.88 -14.64 22.21
N ILE F 30 16.35 -13.45 21.96
CA ILE F 30 16.94 -12.55 20.98
C ILE F 30 18.06 -11.80 21.67
N THR F 31 19.26 -12.34 21.61
CA THR F 31 20.39 -11.84 22.40
C THR F 31 20.82 -10.46 21.91
N LYS F 32 21.45 -9.71 22.84
CA LYS F 32 21.99 -8.40 22.49
C LYS F 32 22.97 -8.45 21.32
N PRO F 33 23.92 -9.41 21.26
CA PRO F 33 24.78 -9.46 20.06
C PRO F 33 24.01 -9.61 18.76
N ALA F 34 22.89 -10.35 18.75
CA ALA F 34 22.12 -10.47 17.53
C ALA F 34 21.54 -9.12 17.11
N ILE F 35 21.02 -8.36 18.07
CA ILE F 35 20.48 -7.03 17.76
C ILE F 35 21.60 -6.11 17.28
N ARG F 36 22.78 -6.20 17.90
CA ARG F 36 23.92 -5.40 17.46
C ARG F 36 24.34 -5.76 16.04
N ARG F 37 24.33 -7.05 15.71
CA ARG F 37 24.65 -7.48 14.35
C ARG F 37 23.65 -6.93 13.35
N LEU F 38 22.36 -7.00 13.69
CA LEU F 38 21.34 -6.46 12.81
C LEU F 38 21.51 -4.95 12.61
N ALA F 39 21.83 -4.23 13.68
CA ALA F 39 22.08 -2.78 13.56
C ALA F 39 23.31 -2.52 12.71
N ARG F 40 24.35 -3.34 12.86
CA ARG F 40 25.55 -3.19 12.03
C ARG F 40 25.24 -3.40 10.56
N ARG F 41 24.38 -4.38 10.24
CA ARG F 41 23.96 -4.56 8.86
C ARG F 41 23.21 -3.34 8.35
N GLY F 42 22.46 -2.67 9.22
CA GLY F 42 21.75 -1.45 8.85
C GLY F 42 22.59 -0.20 8.83
N GLY F 43 23.85 -0.28 9.24
CA GLY F 43 24.74 0.85 9.22
C GLY F 43 24.87 1.62 10.51
N VAL F 44 24.36 1.09 11.61
CA VAL F 44 24.45 1.76 12.90
C VAL F 44 25.85 1.59 13.46
N LYS F 45 26.44 2.69 13.92
CA LYS F 45 27.80 2.69 14.47
C LYS F 45 27.83 2.63 15.99
N ARG F 46 26.93 3.36 16.67
CA ARG F 46 26.89 3.40 18.12
C ARG F 46 25.47 3.09 18.58
N ILE F 47 25.36 2.26 19.61
CA ILE F 47 24.08 1.73 20.06
C ILE F 47 23.91 2.02 21.55
N SER F 48 22.79 2.65 21.90
CA SER F 48 22.47 2.86 23.30
C SER F 48 21.99 1.57 23.96
N GLY F 49 22.07 1.54 25.29
CA GLY F 49 21.67 0.35 26.03
C GLY F 49 20.18 0.11 26.07
N LEU F 50 19.37 1.14 25.88
CA LEU F 50 17.92 1.00 25.91
C LEU F 50 17.34 0.56 24.57
N ILE F 51 18.19 0.43 23.54
CA ILE F 51 17.70 0.07 22.20
C ILE F 51 17.11 -1.33 22.21
N TYR F 52 17.78 -2.26 22.89
CA TYR F 52 17.43 -3.67 22.80
C TYR F 52 15.98 -3.94 23.19
N GLU F 53 15.52 -3.34 24.29
CA GLU F 53 14.16 -3.62 24.77
C GLU F 53 13.11 -3.11 23.79
N GLU F 54 13.30 -1.88 23.26
CA GLU F 54 12.36 -1.35 22.29
C GLU F 54 12.37 -2.17 21.00
N THR F 55 13.56 -2.61 20.56
CA THR F 55 13.65 -3.44 19.38
C THR F 55 12.93 -4.77 19.58
N ARG F 56 13.09 -5.37 20.76
CA ARG F 56 12.37 -6.59 21.07
C ARG F 56 10.86 -6.37 21.06
N GLY F 57 10.41 -5.26 21.63
CA GLY F 57 8.97 -4.97 21.61
C GLY F 57 8.43 -4.84 20.21
N VAL F 58 9.13 -4.08 19.36
CA VAL F 58 8.70 -3.90 17.97
C VAL F 58 8.71 -5.22 17.23
N LEU F 59 9.73 -6.04 17.47
CA LEU F 59 9.83 -7.34 16.84
C LEU F 59 8.66 -8.23 17.23
N LYS F 60 8.33 -8.25 18.52
CA LYS F 60 7.19 -9.02 19.01
C LYS F 60 5.88 -8.54 18.39
N VAL F 61 5.70 -7.22 18.28
CA VAL F 61 4.49 -6.69 17.65
C VAL F 61 4.40 -7.13 16.19
N PHE F 62 5.51 -7.06 15.48
CA PHE F 62 5.51 -7.43 14.07
C PHE F 62 5.13 -8.91 13.90
N LEU F 63 5.77 -9.78 14.67
CA LEU F 63 5.42 -11.20 14.56
C LEU F 63 4.00 -11.48 15.03
N GLU F 64 3.50 -10.74 16.02
CA GLU F 64 2.10 -10.92 16.42
C GLU F 64 1.18 -10.58 15.25
N ASN F 65 1.44 -9.46 14.58
CA ASN F 65 0.61 -9.05 13.46
C ASN F 65 0.66 -10.07 12.31
N VAL F 66 1.85 -10.57 11.99
CA VAL F 66 1.96 -11.52 10.89
C VAL F 66 1.32 -12.86 11.26
N ILE F 67 1.60 -13.35 12.47
CA ILE F 67 1.14 -14.68 12.87
C ILE F 67 -0.36 -14.71 13.06
N ARG F 68 -0.98 -13.60 13.48
CA ARG F 68 -2.44 -13.59 13.58
C ARG F 68 -3.07 -13.90 12.23
N ASP F 69 -2.63 -13.21 11.17
CA ASP F 69 -3.14 -13.47 9.84
C ASP F 69 -2.77 -14.87 9.36
N ALA F 70 -1.54 -15.33 9.65
CA ALA F 70 -1.13 -16.65 9.22
C ALA F 70 -2.01 -17.73 9.84
N VAL F 71 -2.29 -17.64 11.14
CA VAL F 71 -3.13 -18.62 11.81
C VAL F 71 -4.58 -18.50 11.32
N THR F 72 -5.04 -17.29 11.00
CA THR F 72 -6.38 -17.15 10.44
C THR F 72 -6.49 -17.88 9.11
N TYR F 73 -5.49 -17.70 8.24
CA TYR F 73 -5.45 -18.44 6.98
C TYR F 73 -5.38 -19.95 7.23
N THR F 74 -4.65 -20.37 8.26
CA THR F 74 -4.55 -21.79 8.57
C THR F 74 -5.90 -22.36 8.98
N GLU F 75 -6.64 -21.64 9.84
CA GLU F 75 -7.95 -22.11 10.25
C GLU F 75 -8.92 -22.13 9.07
N HIS F 76 -8.82 -21.13 8.18
CA HIS F 76 -9.75 -21.05 7.06
C HIS F 76 -9.64 -22.26 6.15
N ALA F 77 -8.42 -22.75 5.92
CA ALA F 77 -8.18 -23.86 5.02
C ALA F 77 -8.34 -25.22 5.70
N LYS F 78 -8.89 -25.26 6.92
CA LYS F 78 -9.09 -26.52 7.65
C LYS F 78 -7.79 -27.29 7.83
N ARG F 79 -6.70 -26.57 8.10
CA ARG F 79 -5.40 -27.19 8.32
C ARG F 79 -4.93 -26.93 9.75
N LYS F 80 -4.15 -27.88 10.26
CA LYS F 80 -3.53 -27.75 11.58
C LYS F 80 -2.06 -27.37 11.51
N THR F 81 -1.48 -27.34 10.31
CA THR F 81 -0.07 -27.00 10.12
C THR F 81 0.03 -25.69 9.34
N VAL F 82 0.82 -24.76 9.87
CA VAL F 82 1.03 -23.47 9.22
C VAL F 82 2.10 -23.65 8.14
N THR F 83 1.72 -23.45 6.88
CA THR F 83 2.63 -23.61 5.76
C THR F 83 3.30 -22.28 5.42
N ALA F 84 4.34 -22.37 4.60
CA ALA F 84 5.03 -21.16 4.14
C ALA F 84 4.13 -20.32 3.26
N MET F 85 3.22 -20.97 2.51
CA MET F 85 2.31 -20.23 1.64
C MET F 85 1.43 -19.28 2.44
N ASP F 86 0.98 -19.72 3.61
CA ASP F 86 0.17 -18.85 4.46
C ASP F 86 0.97 -17.63 4.91
N VAL F 87 2.24 -17.83 5.27
CA VAL F 87 3.09 -16.71 5.69
C VAL F 87 3.29 -15.74 4.53
N VAL F 88 3.53 -16.26 3.32
CA VAL F 88 3.71 -15.40 2.16
C VAL F 88 2.44 -14.62 1.87
N TYR F 89 1.28 -15.28 1.96
CA TYR F 89 0.01 -14.60 1.73
C TYR F 89 -0.22 -13.49 2.76
N ALA F 90 0.07 -13.77 4.04
CA ALA F 90 -0.09 -12.76 5.07
C ALA F 90 0.84 -11.56 4.83
N LEU F 91 2.10 -11.84 4.48
CA LEU F 91 3.05 -10.76 4.22
C LEU F 91 2.60 -9.92 3.02
N LYS F 92 2.11 -10.57 1.96
CA LYS F 92 1.61 -9.83 0.81
C LYS F 92 0.39 -8.99 1.16
N ARG F 93 -0.51 -9.55 1.97
CA ARG F 93 -1.67 -8.79 2.43
C ARG F 93 -1.25 -7.60 3.29
N GLN F 94 -0.10 -7.70 3.95
CA GLN F 94 0.45 -6.61 4.73
C GLN F 94 1.41 -5.74 3.94
N GLY F 95 1.47 -5.91 2.62
CA GLY F 95 2.37 -5.14 1.78
C GLY F 95 3.84 -5.43 2.01
N ARG F 96 4.18 -6.68 2.27
CA ARG F 96 5.56 -7.13 2.51
C ARG F 96 5.85 -8.39 1.72
N THR F 97 5.55 -8.36 0.42
CA THR F 97 5.71 -9.53 -0.44
C THR F 97 7.14 -10.06 -0.37
N LEU F 98 7.25 -11.38 -0.23
CA LEU F 98 8.53 -12.06 -0.05
C LEU F 98 8.76 -13.04 -1.19
N TYR F 99 9.95 -12.99 -1.79
CA TYR F 99 10.30 -13.85 -2.90
C TYR F 99 11.24 -14.96 -2.44
N GLY F 100 10.98 -16.18 -2.89
CA GLY F 100 11.87 -17.30 -2.63
C GLY F 100 11.28 -18.39 -1.77
N PHE F 101 9.95 -18.42 -1.66
CA PHE F 101 9.29 -19.47 -0.89
C PHE F 101 8.06 -20.04 -1.58
N GLY F 102 7.69 -19.54 -2.76
CA GLY F 102 6.52 -20.05 -3.45
C GLY F 102 5.48 -18.98 -3.72
N GLY F 103 4.55 -19.27 -4.62
CA GLY F 103 3.50 -18.32 -4.96
C GLY F 103 3.96 -17.25 -5.93
N ALA G 13 -48.46 -16.45 -4.52
CA ALA G 13 -47.85 -16.06 -3.25
C ALA G 13 -47.14 -14.72 -3.38
N LYS G 14 -47.34 -13.84 -2.41
CA LYS G 14 -46.69 -12.54 -2.43
C LYS G 14 -45.19 -12.68 -2.18
N ALA G 15 -44.42 -11.77 -2.78
CA ALA G 15 -42.98 -11.80 -2.68
C ALA G 15 -42.51 -11.11 -1.41
N LYS G 16 -41.52 -11.71 -0.74
CA LYS G 16 -40.93 -11.15 0.46
C LYS G 16 -39.45 -10.90 0.22
N THR G 17 -38.99 -9.70 0.56
CA THR G 17 -37.59 -9.35 0.38
C THR G 17 -36.72 -10.18 1.32
N ARG G 18 -35.57 -10.61 0.81
CA ARG G 18 -34.65 -11.39 1.64
C ARG G 18 -34.11 -10.58 2.81
N SER G 19 -34.07 -9.25 2.68
CA SER G 19 -33.68 -8.40 3.80
C SER G 19 -34.67 -8.52 4.95
N SER G 20 -35.96 -8.56 4.64
CA SER G 20 -36.98 -8.72 5.67
C SER G 20 -36.86 -10.08 6.35
N ARG G 21 -36.53 -11.12 5.58
CA ARG G 21 -36.38 -12.46 6.15
C ARG G 21 -35.27 -12.50 7.19
N ALA G 22 -34.16 -11.81 6.93
CA ALA G 22 -33.04 -11.74 7.86
C ALA G 22 -33.13 -10.55 8.79
N GLY G 23 -34.17 -9.72 8.68
CA GLY G 23 -34.30 -8.55 9.53
C GLY G 23 -33.20 -7.54 9.33
N LEU G 24 -32.82 -7.27 8.08
CA LEU G 24 -31.74 -6.35 7.76
C LEU G 24 -32.29 -5.20 6.93
N GLN G 25 -31.64 -4.04 7.04
CA GLN G 25 -32.04 -2.87 6.28
C GLN G 25 -31.37 -2.81 4.92
N PHE G 26 -30.13 -3.30 4.81
CA PHE G 26 -29.44 -3.30 3.54
C PHE G 26 -30.07 -4.34 2.60
N PRO G 27 -30.01 -4.09 1.30
CA PRO G 27 -30.65 -5.00 0.32
C PRO G 27 -29.83 -6.20 0.06
N VAL G 28 -30.29 -7.39 0.46
CA VAL G 28 -29.59 -8.64 0.19
C VAL G 28 -29.52 -8.88 -1.31
N GLY G 29 -30.62 -8.65 -2.03
CA GLY G 29 -30.64 -8.90 -3.46
C GLY G 29 -29.67 -8.02 -4.23
N ARG G 30 -29.57 -6.75 -3.85
CA ARG G 30 -28.68 -5.82 -4.55
C ARG G 30 -27.22 -6.23 -4.38
N VAL G 31 -26.82 -6.53 -3.14
CA VAL G 31 -25.44 -6.93 -2.90
C VAL G 31 -25.16 -8.30 -3.53
N HIS G 32 -26.17 -9.19 -3.58
CA HIS G 32 -26.00 -10.46 -4.26
C HIS G 32 -25.74 -10.26 -5.75
N ARG G 33 -26.51 -9.36 -6.37
CA ARG G 33 -26.27 -9.06 -7.78
C ARG G 33 -24.90 -8.44 -8.00
N LEU G 34 -24.49 -7.54 -7.10
CA LEU G 34 -23.15 -6.94 -7.22
C LEU G 34 -22.06 -8.01 -7.12
N LEU G 35 -22.22 -8.96 -6.20
CA LEU G 35 -21.26 -10.05 -6.08
C LEU G 35 -21.25 -10.92 -7.33
N ARG G 36 -22.43 -11.20 -7.90
CA ARG G 36 -22.50 -12.05 -9.09
C ARG G 36 -21.85 -11.38 -10.30
N LYS G 37 -22.07 -10.09 -10.49
CA LYS G 37 -21.53 -9.37 -11.64
C LYS G 37 -20.20 -8.70 -11.37
N GLY G 38 -19.62 -8.90 -10.19
CA GLY G 38 -18.33 -8.33 -9.87
C GLY G 38 -17.13 -9.14 -10.31
N ASN G 39 -17.36 -10.30 -10.94
CA ASN G 39 -16.27 -11.16 -11.43
C ASN G 39 -15.30 -11.52 -10.31
N TYR G 40 -15.85 -12.00 -9.20
CA TYR G 40 -15.05 -12.45 -8.06
C TYR G 40 -14.87 -13.96 -8.02
N ALA G 41 -15.91 -14.72 -8.36
CA ALA G 41 -15.84 -16.17 -8.40
C ALA G 41 -16.92 -16.68 -9.36
N GLU G 42 -16.80 -17.97 -9.70
CA GLU G 42 -17.77 -18.56 -10.62
C GLU G 42 -19.14 -18.75 -9.97
N ARG G 43 -19.17 -19.02 -8.67
CA ARG G 43 -20.42 -19.29 -7.96
C ARG G 43 -20.46 -18.47 -6.68
N VAL G 44 -21.67 -18.15 -6.24
CA VAL G 44 -21.91 -17.31 -5.06
C VAL G 44 -22.85 -18.05 -4.13
N GLY G 45 -22.46 -18.14 -2.86
CA GLY G 45 -23.30 -18.80 -1.87
C GLY G 45 -24.54 -17.97 -1.52
N ALA G 46 -25.51 -18.67 -0.92
CA ALA G 46 -26.76 -18.01 -0.56
C ALA G 46 -26.61 -17.11 0.65
N GLY G 47 -25.86 -17.55 1.67
CA GLY G 47 -25.72 -16.79 2.91
C GLY G 47 -24.67 -15.71 2.92
N ALA G 48 -23.77 -15.73 1.94
CA ALA G 48 -22.72 -14.71 1.86
C ALA G 48 -23.28 -13.30 1.64
N PRO G 49 -24.24 -13.06 0.73
CA PRO G 49 -24.83 -11.72 0.67
C PRO G 49 -25.48 -11.28 1.98
N VAL G 50 -26.18 -12.18 2.67
CA VAL G 50 -26.82 -11.81 3.93
C VAL G 50 -25.77 -11.41 4.96
N TYR G 51 -24.71 -12.22 5.07
CA TYR G 51 -23.64 -11.94 6.04
C TYR G 51 -22.96 -10.61 5.71
N LEU G 52 -22.68 -10.38 4.43
CA LEU G 52 -22.03 -9.14 4.03
C LEU G 52 -22.92 -7.93 4.30
N ALA G 53 -24.23 -8.07 4.01
CA ALA G 53 -25.16 -6.97 4.28
C ALA G 53 -25.22 -6.67 5.77
N ALA G 54 -25.20 -7.72 6.61
CA ALA G 54 -25.19 -7.50 8.05
C ALA G 54 -23.94 -6.77 8.49
N VAL G 55 -22.77 -7.17 7.97
CA VAL G 55 -21.53 -6.50 8.34
C VAL G 55 -21.55 -5.04 7.89
N LEU G 56 -22.02 -4.79 6.67
CA LEU G 56 -22.08 -3.42 6.16
C LEU G 56 -23.02 -2.57 7.01
N GLU G 57 -24.16 -3.13 7.40
CA GLU G 57 -25.11 -2.38 8.22
C GLU G 57 -24.51 -2.08 9.60
N TYR G 58 -23.78 -3.04 10.17
CA TYR G 58 -23.14 -2.79 11.46
C TYR G 58 -22.13 -1.66 11.36
N LEU G 59 -21.27 -1.69 10.35
CA LEU G 59 -20.27 -0.63 10.19
C LEU G 59 -20.93 0.72 9.97
N THR G 60 -21.96 0.77 9.12
CA THR G 60 -22.68 2.01 8.87
C THR G 60 -23.33 2.53 10.15
N ALA G 61 -23.95 1.65 10.93
CA ALA G 61 -24.55 2.06 12.19
C ALA G 61 -23.50 2.61 13.14
N GLU G 62 -22.34 1.97 13.22
CA GLU G 62 -21.30 2.45 14.12
C GLU G 62 -20.86 3.85 13.72
N ILE G 63 -20.57 4.05 12.43
CA ILE G 63 -20.13 5.36 11.96
C ILE G 63 -21.23 6.40 12.16
N LEU G 64 -22.48 6.03 11.90
CA LEU G 64 -23.54 7.01 12.02
C LEU G 64 -23.79 7.41 13.47
N GLU G 65 -23.74 6.47 14.43
CA GLU G 65 -23.95 6.84 15.82
C GLU G 65 -22.79 7.71 16.28
N LEU G 66 -21.55 7.36 15.92
CA LEU G 66 -20.42 8.24 16.29
C LEU G 66 -20.54 9.63 15.70
N ALA G 67 -20.96 9.71 14.44
CA ALA G 67 -21.14 11.03 13.82
C ALA G 67 -22.27 11.81 14.48
N GLY G 68 -23.35 11.13 14.86
CA GLY G 68 -24.42 11.77 15.60
C GLY G 68 -23.97 12.30 16.95
N ASN G 69 -23.18 11.52 17.68
CA ASN G 69 -22.63 12.00 18.96
C ASN G 69 -21.74 13.21 18.75
N ALA G 70 -20.91 13.18 17.69
CA ALA G 70 -20.06 14.33 17.40
C ALA G 70 -20.89 15.56 17.05
N ALA G 71 -21.95 15.39 16.26
CA ALA G 71 -22.79 16.53 15.90
C ALA G 71 -23.52 17.09 17.14
N ARG G 72 -24.01 16.20 18.01
CA ARG G 72 -24.68 16.66 19.21
C ARG G 72 -23.73 17.38 20.16
N ASP G 73 -22.46 16.96 20.17
CA ASP G 73 -21.47 17.64 21.00
C ASP G 73 -21.12 19.03 20.47
N ASN G 74 -21.61 19.43 19.30
CA ASN G 74 -21.38 20.75 18.75
C ASN G 74 -22.69 21.53 18.58
N LYS G 75 -23.75 21.12 19.27
CA LYS G 75 -25.05 21.78 19.20
C LYS G 75 -25.57 21.84 17.77
N LYS G 76 -25.34 20.77 17.02
CA LYS G 76 -25.82 20.67 15.64
C LYS G 76 -26.59 19.37 15.46
N THR G 77 -27.70 19.45 14.73
CA THR G 77 -28.53 18.29 14.42
C THR G 77 -28.35 17.80 12.99
N ARG G 78 -27.38 18.34 12.26
CA ARG G 78 -27.13 17.96 10.87
C ARG G 78 -25.73 17.38 10.75
N ILE G 79 -25.63 16.20 10.15
CA ILE G 79 -24.35 15.54 9.98
C ILE G 79 -23.57 16.20 8.84
N ILE G 80 -22.38 16.70 9.15
CA ILE G 80 -21.50 17.32 8.16
C ILE G 80 -20.20 16.53 8.07
N PRO G 81 -19.45 16.61 6.96
CA PRO G 81 -18.17 15.88 6.88
C PRO G 81 -17.23 16.15 8.03
N ARG G 82 -17.28 17.34 8.64
CA ARG G 82 -16.45 17.61 9.80
C ARG G 82 -16.74 16.63 10.93
N HIS G 83 -18.04 16.35 11.17
CA HIS G 83 -18.40 15.35 12.16
C HIS G 83 -17.90 13.97 11.76
N LEU G 84 -17.92 13.64 10.46
CA LEU G 84 -17.37 12.38 10.01
C LEU G 84 -15.89 12.26 10.37
N GLN G 85 -15.10 13.31 10.09
CA GLN G 85 -13.68 13.28 10.41
C GLN G 85 -13.48 13.15 11.91
N LEU G 86 -14.25 13.92 12.69
CA LEU G 86 -14.16 13.85 14.15
C LEU G 86 -14.42 12.44 14.65
N ALA G 87 -15.51 11.83 14.19
CA ALA G 87 -15.89 10.50 14.65
C ALA G 87 -14.85 9.45 14.25
N VAL G 88 -14.35 9.51 13.01
CA VAL G 88 -13.43 8.50 12.53
C VAL G 88 -12.09 8.62 13.25
N ARG G 89 -11.56 9.83 13.35
CA ARG G 89 -10.23 10.00 13.92
C ARG G 89 -10.21 9.84 15.45
N ASN G 90 -11.35 9.88 16.12
CA ASN G 90 -11.40 9.74 17.57
C ASN G 90 -11.51 8.29 18.02
N ASP G 91 -11.77 7.36 17.10
CA ASP G 91 -11.86 5.94 17.43
C ASP G 91 -10.61 5.25 16.90
N GLU G 92 -9.85 4.61 17.80
CA GLU G 92 -8.57 4.03 17.41
C GLU G 92 -8.74 2.91 16.40
N GLU G 93 -9.74 2.04 16.60
CA GLU G 93 -9.94 0.93 15.66
C GLU G 93 -10.39 1.43 14.30
N LEU G 94 -11.34 2.36 14.28
CA LEU G 94 -11.83 2.92 13.02
C LEU G 94 -10.76 3.77 12.33
N ASN G 95 -9.95 4.48 13.12
CA ASN G 95 -8.83 5.22 12.54
C ASN G 95 -7.82 4.26 11.91
N LYS G 96 -7.59 3.11 12.55
CA LYS G 96 -6.73 2.10 11.96
C LYS G 96 -7.33 1.54 10.67
N LEU G 97 -8.65 1.33 10.66
CA LEU G 97 -9.31 0.82 9.47
C LEU G 97 -9.29 1.84 8.33
N LEU G 98 -9.42 3.13 8.64
CA LEU G 98 -9.47 4.18 7.64
C LEU G 98 -8.26 5.11 7.76
N GLY G 99 -7.09 4.53 8.02
CA GLY G 99 -5.88 5.33 8.13
C GLY G 99 -5.30 5.78 6.80
N ARG G 100 -5.72 5.17 5.70
CA ARG G 100 -5.23 5.51 4.37
C ARG G 100 -6.28 6.27 3.55
N VAL G 101 -7.39 6.64 4.16
CA VAL G 101 -8.50 7.30 3.47
C VAL G 101 -8.55 8.76 3.90
N THR G 102 -8.72 9.65 2.93
CA THR G 102 -8.85 11.08 3.18
C THR G 102 -10.31 11.48 2.99
N ILE G 103 -10.84 12.22 3.96
CA ILE G 103 -12.23 12.66 3.93
C ILE G 103 -12.26 14.11 3.45
N ALA G 104 -13.00 14.37 2.38
CA ALA G 104 -13.10 15.72 1.84
C ALA G 104 -13.83 16.63 2.82
N GLN G 105 -13.30 17.84 3.01
CA GLN G 105 -13.88 18.84 3.91
C GLN G 105 -13.98 18.33 5.34
N GLY G 106 -13.12 17.38 5.70
CA GLY G 106 -13.15 16.83 7.04
C GLY G 106 -12.36 17.65 8.06
N GLY G 107 -11.31 18.33 7.62
CA GLY G 107 -10.50 19.11 8.53
C GLY G 107 -9.43 18.29 9.22
N VAL G 108 -8.90 18.86 10.29
CA VAL G 108 -7.83 18.24 11.08
C VAL G 108 -8.17 18.38 12.55
N LEU G 109 -7.92 17.33 13.32
CA LEU G 109 -8.17 17.38 14.75
C LEU G 109 -7.31 18.46 15.41
N PRO G 110 -7.87 19.23 16.34
CA PRO G 110 -7.03 20.17 17.11
C PRO G 110 -5.95 19.42 17.88
N ASN G 111 -4.70 19.71 17.56
CA ASN G 111 -3.57 19.01 18.16
C ASN G 111 -2.38 19.96 18.17
N ILE G 112 -2.06 20.50 19.34
CA ILE G 112 -0.93 21.38 19.54
C ILE G 112 0.08 20.67 20.45
N GLN G 113 1.32 20.58 19.99
CA GLN G 113 2.35 19.88 20.75
C GLN G 113 2.66 20.61 22.05
N SER G 114 3.07 19.83 23.05
CA SER G 114 3.37 20.40 24.36
C SER G 114 4.53 21.39 24.30
N VAL G 115 5.55 21.08 23.49
CA VAL G 115 6.71 21.97 23.38
C VAL G 115 6.30 23.31 22.79
N LEU G 116 5.33 23.32 21.88
CA LEU G 116 4.90 24.56 21.25
C LEU G 116 4.09 25.44 22.20
N LEU G 117 3.55 24.88 23.27
CA LEU G 117 2.76 25.67 24.20
C LEU G 117 3.67 26.64 24.97
N PRO G 118 3.15 27.81 25.33
CA PRO G 118 3.95 28.77 26.10
C PRO G 118 4.40 28.18 27.43
N LYS G 119 5.62 28.54 27.82
CA LYS G 119 6.19 28.06 29.08
C LYS G 119 6.73 29.22 29.92
N SER H 33 -30.01 8.49 -16.81
CA SER H 33 -30.38 7.09 -16.51
C SER H 33 -30.31 6.84 -15.00
N ARG H 34 -30.92 5.76 -14.53
CA ARG H 34 -30.90 5.44 -13.10
C ARG H 34 -29.47 5.21 -12.63
N LYS H 35 -29.12 5.85 -11.51
CA LYS H 35 -27.80 5.72 -10.90
C LYS H 35 -27.92 5.05 -9.55
N GLU H 36 -27.16 3.98 -9.35
CA GLU H 36 -27.21 3.24 -8.10
C GLU H 36 -26.66 4.09 -6.96
N SER H 37 -27.23 3.88 -5.76
CA SER H 37 -26.79 4.59 -4.57
C SER H 37 -27.30 3.85 -3.35
N TYR H 38 -26.75 4.22 -2.19
CA TYR H 38 -27.15 3.65 -0.90
C TYR H 38 -27.81 4.70 0.00
N ALA H 39 -28.43 5.71 -0.59
CA ALA H 39 -28.93 6.86 0.18
C ALA H 39 -30.00 6.44 1.17
N ILE H 40 -31.04 5.76 0.70
CA ILE H 40 -32.19 5.44 1.54
C ILE H 40 -31.78 4.50 2.66
N TYR H 41 -30.88 3.55 2.37
CA TYR H 41 -30.47 2.59 3.39
C TYR H 41 -29.72 3.27 4.53
N VAL H 42 -28.75 4.13 4.18
CA VAL H 42 -28.02 4.86 5.22
C VAL H 42 -28.95 5.78 6.00
N TYR H 43 -29.89 6.44 5.30
CA TYR H 43 -30.84 7.30 5.99
C TYR H 43 -31.69 6.51 6.97
N LYS H 44 -32.16 5.33 6.56
CA LYS H 44 -32.96 4.49 7.45
C LYS H 44 -32.14 4.01 8.65
N VAL H 45 -30.89 3.65 8.43
CA VAL H 45 -30.04 3.22 9.54
C VAL H 45 -29.87 4.37 10.54
N LEU H 46 -29.62 5.58 10.04
CA LEU H 46 -29.48 6.71 10.96
C LEU H 46 -30.77 6.97 11.71
N LYS H 47 -31.90 6.95 11.00
CA LYS H 47 -33.19 7.13 11.66
C LYS H 47 -33.40 6.10 12.76
N GLN H 48 -32.96 4.87 12.53
CA GLN H 48 -33.02 3.83 13.57
C GLN H 48 -32.07 4.15 14.72
N VAL H 49 -30.93 4.77 14.44
CA VAL H 49 -29.99 5.16 15.49
C VAL H 49 -30.36 6.52 16.05
N HIS H 50 -30.32 7.56 15.20
CA HIS H 50 -30.69 8.91 15.60
C HIS H 50 -31.96 9.34 14.88
N PRO H 51 -33.13 9.24 15.53
CA PRO H 51 -34.39 9.59 14.86
C PRO H 51 -34.54 11.07 14.50
N ASP H 52 -33.74 11.95 15.10
CA ASP H 52 -33.90 13.39 14.90
C ASP H 52 -32.64 14.05 14.35
N THR H 53 -31.90 13.34 13.51
CA THR H 53 -30.66 13.86 12.95
C THR H 53 -30.68 13.70 11.42
N GLY H 54 -30.29 14.77 10.72
CA GLY H 54 -30.14 14.74 9.29
C GLY H 54 -28.68 14.70 8.85
N ILE H 55 -28.48 14.43 7.56
CA ILE H 55 -27.16 14.32 6.96
C ILE H 55 -27.07 15.26 5.77
N SER H 56 -25.94 15.97 5.66
CA SER H 56 -25.67 16.79 4.49
C SER H 56 -25.39 15.90 3.27
N SER H 57 -25.52 16.50 2.08
CA SER H 57 -25.29 15.76 0.84
C SER H 57 -23.85 15.29 0.74
N LYS H 58 -22.89 16.13 1.11
CA LYS H 58 -21.49 15.75 1.02
C LYS H 58 -21.18 14.59 1.97
N ALA H 59 -21.67 14.66 3.21
CA ALA H 59 -21.48 13.55 4.14
C ALA H 59 -22.19 12.31 3.66
N MET H 60 -23.33 12.47 2.97
CA MET H 60 -24.04 11.31 2.44
C MET H 60 -23.25 10.63 1.33
N SER H 61 -22.64 11.42 0.45
CA SER H 61 -21.75 10.86 -0.57
C SER H 61 -20.54 10.19 0.06
N ILE H 62 -20.01 10.77 1.14
CA ILE H 62 -18.91 10.14 1.85
C ILE H 62 -19.34 8.78 2.41
N MET H 63 -20.57 8.72 2.96
CA MET H 63 -21.12 7.46 3.44
C MET H 63 -21.20 6.42 2.32
N ASN H 64 -21.74 6.83 1.17
CA ASN H 64 -21.86 5.91 0.04
C ASN H 64 -20.49 5.41 -0.43
N SER H 65 -19.51 6.32 -0.51
CA SER H 65 -18.16 5.92 -0.90
C SER H 65 -17.55 4.96 0.11
N PHE H 66 -17.76 5.20 1.40
CA PHE H 66 -17.24 4.30 2.42
C PHE H 66 -17.86 2.91 2.30
N VAL H 67 -19.17 2.86 2.10
CA VAL H 67 -19.86 1.58 1.94
C VAL H 67 -19.32 0.84 0.73
N ASN H 68 -19.14 1.55 -0.39
CA ASN H 68 -18.62 0.91 -1.59
C ASN H 68 -17.20 0.44 -1.39
N ASP H 69 -16.36 1.21 -0.69
CA ASP H 69 -14.99 0.79 -0.44
C ASP H 69 -14.94 -0.48 0.40
N VAL H 70 -15.73 -0.52 1.48
CA VAL H 70 -15.75 -1.71 2.33
C VAL H 70 -16.28 -2.92 1.55
N PHE H 71 -17.32 -2.71 0.73
CA PHE H 71 -17.81 -3.76 -0.14
C PHE H 71 -16.70 -4.32 -1.04
N GLU H 72 -15.98 -3.43 -1.71
CA GLU H 72 -14.92 -3.86 -2.61
C GLU H 72 -13.81 -4.60 -1.86
N ARG H 73 -13.42 -4.08 -0.70
CA ARG H 73 -12.35 -4.73 0.07
C ARG H 73 -12.75 -6.14 0.48
N ILE H 74 -13.94 -6.29 1.05
CA ILE H 74 -14.37 -7.61 1.52
C ILE H 74 -14.53 -8.56 0.35
N ALA H 75 -15.11 -8.09 -0.75
CA ALA H 75 -15.30 -8.95 -1.92
C ALA H 75 -13.97 -9.40 -2.50
N GLY H 76 -13.00 -8.49 -2.60
CA GLY H 76 -11.69 -8.88 -3.10
C GLY H 76 -10.98 -9.86 -2.19
N GLU H 77 -11.04 -9.64 -0.87
CA GLU H 77 -10.41 -10.56 0.05
C GLU H 77 -11.06 -11.94 -0.01
N ALA H 78 -12.39 -11.97 -0.14
CA ALA H 78 -13.09 -13.25 -0.27
C ALA H 78 -12.73 -13.97 -1.56
N SER H 79 -12.59 -13.23 -2.66
CA SER H 79 -12.18 -13.84 -3.92
C SER H 79 -10.78 -14.42 -3.81
N ARG H 80 -9.87 -13.69 -3.16
CA ARG H 80 -8.52 -14.21 -2.94
C ARG H 80 -8.56 -15.47 -2.07
N LEU H 81 -9.38 -15.47 -1.02
CA LEU H 81 -9.51 -16.64 -0.16
C LEU H 81 -10.03 -17.84 -0.94
N ALA H 82 -11.04 -17.64 -1.79
CA ALA H 82 -11.58 -18.74 -2.57
C ALA H 82 -10.57 -19.24 -3.59
N HIS H 83 -9.81 -18.32 -4.21
CA HIS H 83 -8.78 -18.74 -5.16
C HIS H 83 -7.68 -19.55 -4.49
N TYR H 84 -7.28 -19.13 -3.28
CA TYR H 84 -6.21 -19.84 -2.58
C TYR H 84 -6.60 -21.27 -2.23
N ASN H 85 -7.86 -21.50 -1.86
CA ASN H 85 -8.34 -22.83 -1.50
C ASN H 85 -8.83 -23.64 -2.68
N LYS H 86 -8.55 -23.18 -3.91
CA LYS H 86 -9.01 -23.85 -5.13
C LYS H 86 -10.53 -24.02 -5.12
N ARG H 87 -11.22 -23.02 -4.60
CA ARG H 87 -12.67 -23.03 -4.51
C ARG H 87 -13.27 -22.12 -5.57
N SER H 88 -14.50 -22.44 -5.97
CA SER H 88 -15.22 -21.67 -6.98
C SER H 88 -16.51 -21.07 -6.44
N THR H 89 -16.74 -21.12 -5.13
CA THR H 89 -17.95 -20.60 -4.53
C THR H 89 -17.59 -19.77 -3.31
N ILE H 90 -18.20 -18.60 -3.18
CA ILE H 90 -18.00 -17.74 -2.01
C ILE H 90 -19.15 -18.01 -1.05
N THR H 91 -18.83 -18.61 0.09
CA THR H 91 -19.81 -18.92 1.11
C THR H 91 -19.64 -17.95 2.28
N SER H 92 -20.41 -18.19 3.35
CA SER H 92 -20.35 -17.35 4.53
C SER H 92 -18.98 -17.44 5.22
N ARG H 93 -18.33 -18.60 5.15
CA ARG H 93 -17.04 -18.76 5.81
C ARG H 93 -15.98 -17.85 5.20
N GLU H 94 -15.94 -17.74 3.87
CA GLU H 94 -14.96 -16.88 3.22
C GLU H 94 -15.16 -15.42 3.60
N ILE H 95 -16.42 -14.95 3.58
CA ILE H 95 -16.69 -13.56 3.95
C ILE H 95 -16.34 -13.32 5.40
N GLN H 96 -16.64 -14.30 6.25
CA GLN H 96 -16.31 -14.19 7.67
C GLN H 96 -14.79 -14.08 7.87
N THR H 97 -14.02 -14.92 7.18
CA THR H 97 -12.57 -14.85 7.28
C THR H 97 -12.04 -13.51 6.77
N ALA H 98 -12.65 -12.98 5.70
CA ALA H 98 -12.26 -11.67 5.21
C ALA H 98 -12.53 -10.59 6.26
N VAL H 99 -13.68 -10.68 6.93
CA VAL H 99 -14.02 -9.72 7.98
C VAL H 99 -13.01 -9.79 9.11
N ARG H 100 -12.64 -11.01 9.52
CA ARG H 100 -11.64 -11.17 10.57
C ARG H 100 -10.29 -10.58 10.16
N LEU H 101 -9.91 -10.77 8.89
CA LEU H 101 -8.60 -10.29 8.43
C LEU H 101 -8.57 -8.77 8.29
N LEU H 102 -9.69 -8.16 7.86
CA LEU H 102 -9.69 -6.72 7.60
C LEU H 102 -10.14 -5.89 8.79
N LEU H 103 -11.09 -6.36 9.59
CA LEU H 103 -11.58 -5.59 10.72
C LEU H 103 -10.73 -5.87 11.95
N PRO H 104 -10.20 -4.85 12.63
CA PRO H 104 -9.38 -5.10 13.81
C PRO H 104 -10.20 -5.40 15.05
N GLY H 105 -9.85 -6.50 15.71
CA GLY H 105 -10.36 -6.86 17.03
C GLY H 105 -11.85 -6.78 17.26
N GLU H 106 -12.25 -5.85 18.13
CA GLU H 106 -13.66 -5.78 18.56
C GLU H 106 -14.59 -5.53 17.39
N LEU H 107 -14.15 -4.73 16.42
CA LEU H 107 -14.96 -4.52 15.23
C LEU H 107 -15.23 -5.84 14.51
N ALA H 108 -14.19 -6.66 14.34
CA ALA H 108 -14.38 -7.96 13.70
C ALA H 108 -15.27 -8.86 14.53
N LYS H 109 -15.10 -8.86 15.86
CA LYS H 109 -15.91 -9.73 16.70
C LYS H 109 -17.39 -9.35 16.59
N HIS H 110 -17.68 -8.05 16.66
CA HIS H 110 -19.08 -7.62 16.62
C HIS H 110 -19.68 -7.82 15.23
N ALA H 111 -18.90 -7.58 14.17
CA ALA H 111 -19.39 -7.85 12.83
C ALA H 111 -19.69 -9.33 12.63
N VAL H 112 -18.81 -10.21 13.14
CA VAL H 112 -19.04 -11.65 13.03
C VAL H 112 -20.30 -12.04 13.80
N SER H 113 -20.48 -11.51 15.00
CA SER H 113 -21.66 -11.85 15.79
C SER H 113 -22.93 -11.42 15.06
N GLU H 114 -22.94 -10.17 14.56
CA GLU H 114 -24.13 -9.67 13.88
C GLU H 114 -24.43 -10.45 12.61
N GLY H 115 -23.39 -10.74 11.81
CA GLY H 115 -23.61 -11.49 10.59
C GLY H 115 -24.07 -12.91 10.86
N THR H 116 -23.50 -13.56 11.88
CA THR H 116 -23.93 -14.91 12.23
C THR H 116 -25.38 -14.91 12.70
N LYS H 117 -25.78 -13.92 13.50
CA LYS H 117 -27.18 -13.81 13.90
C LYS H 117 -28.08 -13.63 12.69
N ALA H 118 -27.69 -12.75 11.76
CA ALA H 118 -28.51 -12.50 10.58
C ALA H 118 -28.65 -13.75 9.74
N VAL H 119 -27.55 -14.48 9.51
CA VAL H 119 -27.61 -15.66 8.66
C VAL H 119 -28.38 -16.78 9.34
N THR H 120 -28.26 -16.91 10.67
CA THR H 120 -29.02 -17.93 11.39
C THR H 120 -30.52 -17.64 11.32
N LYS H 121 -30.90 -16.38 11.51
CA LYS H 121 -32.31 -16.02 11.45
C LYS H 121 -32.86 -16.17 10.03
N TYR H 122 -32.01 -15.87 9.02
CA TYR H 122 -32.45 -16.05 7.63
C TYR H 122 -32.64 -17.53 7.31
N THR H 123 -31.74 -18.39 7.78
CA THR H 123 -31.89 -19.82 7.56
C THR H 123 -33.12 -20.38 8.29
N SER H 124 -33.39 -19.86 9.49
CA SER H 124 -34.58 -20.30 10.22
C SER H 124 -35.85 -19.93 9.48
N ALA H 125 -35.91 -18.72 8.93
CA ALA H 125 -37.09 -18.26 8.20
C ALA H 125 -37.16 -18.93 6.82
N ASN K 698 14.67 6.05 -30.19
CA ASN K 698 13.91 5.84 -28.97
C ASN K 698 13.99 4.40 -28.43
N PRO K 699 13.70 3.37 -29.24
CA PRO K 699 13.80 2.01 -28.75
C PRO K 699 15.25 1.55 -28.62
N THR K 700 15.43 0.51 -27.80
CA THR K 700 16.76 -0.05 -27.52
C THR K 700 17.73 1.02 -27.00
N LYS K 701 17.22 1.89 -26.14
CA LYS K 701 17.99 2.97 -25.54
C LYS K 701 17.82 2.99 -24.03
N ARG K 702 17.96 1.83 -23.39
CA ARG K 702 17.80 1.74 -21.95
C ARG K 702 18.85 2.59 -21.24
N GLU K 703 18.38 3.49 -20.39
CA GLU K 703 19.29 4.39 -19.66
C GLU K 703 20.11 3.61 -18.63
N ARG K 704 19.46 2.79 -17.83
CA ARG K 704 20.11 1.98 -16.79
C ARG K 704 20.95 2.84 -15.85
#